data_7U1D
#
_entry.id   7U1D
#
_cell.length_a   178.479
_cell.length_b   178.479
_cell.length_c   184.169
_cell.angle_alpha   90.000
_cell.angle_beta   90.000
_cell.angle_gamma   120.000
#
_symmetry.space_group_name_H-M   'P 64 2 2'
#
loop_
_entity.id
_entity.type
_entity.pdbx_description
1 polymer 'Acetolactate synthase, chloroplastic'
2 non-polymer 'MAGNESIUM ION'
3 non-polymer 'FLAVIN-ADENINE DINUCLEOTIDE'
4 non-polymer '2-[[[[(4-CHLORO-6-METHOXY-2-PYRIMIDINYL)AMINO]CARBONYL]AMINO]SULFONYL]BENZOIC ACID ETHYL ESTER'
5 non-polymer '2-[N-CYCLOHEXYLAMINO]ETHANE SULFONIC ACID'
6 non-polymer 'ETHANEPEROXOIC ACID'
7 non-polymer '(3Z)-4-{[(4-AMINO-2-METHYLPYRIMIDIN-5-YL)METHYL]AMINO}-3-MERCAPTOPENT-3-EN-1-YL TRIHYDROGEN DIPHOSPHATE'
8 non-polymer 'SULFATE ION'
#
_entity_poly.entity_id   1
_entity_poly.type   'polypeptide(L)'
_entity_poly.pdbx_seq_one_letter_code
;TFISRFAPDQPRKGADILVEALERQGVETVFAYPGGASMEIHQALTRSSSIRNVLPRHEQGGVFAAEGYARSSGKPGICI
ATSGPGATNLVSGLADALLDSVPLVAITGQVTRRMIGTDAFQETPIVEVTRSITKHNYLVMDVEDIPRIIEEAFFLATSG
RPGPVLVDVPKDIQQQLAIPNWEQAMRLPGYMSRMPKPPEDSHLEQIVRLISESKKPVLYVGGGCLNSSDELGRFVELTG
IPVASTLMGLGSYP(CSD)DDELSLHMLGMHGTVYANYAVEHSDLLLAFGVRFDDRVTGKLEAFASRAKIVHIDIDSAEI
GKNKTPHVSVCGDVKLALQGMNKVLENRAEELKLDFGVWRNELNVQKQKFPLSFKTFGEAIPPQYAIKVLDELTDGKAII
STGVGQHQMWAAQFYNYKKPRQWLSSGGLGAMGFGLPAAIGASVANPDAIVVDIDGDGSFIMNVQELATIRVENLPVKVL
LLNNQHLGMVMQWEDRFYKANRAHTFLGDPAQEDEIFPNMLLFAAACGIPAARVTKKADLREAIQTMLDTPGPYLLDVIC
PHQEHVLPMIPSGGTFNDVITEGDGR
;
_entity_poly.pdbx_strand_id   A
#
loop_
_chem_comp.id
_chem_comp.type
_chem_comp.name
_chem_comp.formula
CIE non-polymer '2-[[[[(4-CHLORO-6-METHOXY-2-PYRIMIDINYL)AMINO]CARBONYL]AMINO]SULFONYL]BENZOIC ACID ETHYL ESTER' 'C15 H15 Cl N4 O6 S'
F50 non-polymer 'ETHANEPEROXOIC ACID' 'C2 H4 O3'
FAD non-polymer 'FLAVIN-ADENINE DINUCLEOTIDE' 'C27 H33 N9 O15 P2'
MG non-polymer 'MAGNESIUM ION' 'Mg 2'
NHE non-polymer '2-[N-CYCLOHEXYLAMINO]ETHANE SULFONIC ACID' 'C8 H17 N O3 S'
SO4 non-polymer 'SULFATE ION' 'O4 S -2'
TP9 non-polymer '(3Z)-4-{[(4-AMINO-2-METHYLPYRIMIDIN-5-YL)METHYL]AMINO}-3-MERCAPTOPENT-3-EN-1-YL TRIHYDROGEN DIPHOSPHATE' 'C11 H18 N4 O7 P2 S -2'
#
# COMPACT_ATOMS: atom_id res chain seq x y z
N THR A 1 -16.29 8.92 26.89
CA THR A 1 -15.88 10.15 27.57
C THR A 1 -14.37 10.16 27.80
N PHE A 2 -13.70 11.13 27.19
CA PHE A 2 -12.25 11.22 27.27
C PHE A 2 -11.81 11.75 28.64
N ILE A 3 -10.66 11.25 29.09
CA ILE A 3 -10.08 11.64 30.37
C ILE A 3 -8.76 12.34 30.08
N SER A 4 -8.69 13.63 30.38
CA SER A 4 -7.47 14.39 30.16
C SER A 4 -6.51 14.24 31.33
N ARG A 5 -5.23 14.48 31.06
CA ARG A 5 -4.21 14.54 32.09
C ARG A 5 -4.06 15.94 32.67
N PHE A 6 -4.95 16.86 32.30
CA PHE A 6 -4.90 18.24 32.75
C PHE A 6 -6.30 18.70 33.11
N ALA A 7 -6.38 19.70 34.00
CA ALA A 7 -7.65 20.26 34.38
C ALA A 7 -8.26 21.05 33.23
N PRO A 8 -9.59 21.11 33.14
CA PRO A 8 -10.22 21.89 32.06
C PRO A 8 -9.91 23.37 32.12
N ASP A 9 -9.48 23.89 33.27
CA ASP A 9 -9.11 25.29 33.42
C ASP A 9 -7.60 25.49 33.56
N GLN A 10 -6.80 24.43 33.34
CA GLN A 10 -5.37 24.51 33.56
C GLN A 10 -4.65 24.78 32.25
N PRO A 11 -3.81 25.82 32.19
CA PRO A 11 -3.02 26.04 30.98
C PRO A 11 -1.95 24.98 30.81
N ARG A 12 -1.64 24.66 29.55
CA ARG A 12 -0.66 23.64 29.24
C ARG A 12 0.04 24.02 27.94
N LYS A 13 1.23 23.46 27.74
CA LYS A 13 2.00 23.73 26.54
C LYS A 13 1.24 23.32 25.30
N GLY A 14 1.50 24.03 24.20
CA GLY A 14 0.88 23.67 22.94
C GLY A 14 1.23 22.27 22.50
N ALA A 15 2.45 21.82 22.81
CA ALA A 15 2.83 20.44 22.52
C ALA A 15 1.95 19.46 23.29
N ASP A 16 1.66 19.76 24.56
CA ASP A 16 0.76 18.91 25.33
C ASP A 16 -0.66 18.96 24.78
N ILE A 17 -1.05 20.09 24.18
CA ILE A 17 -2.34 20.16 23.49
C ILE A 17 -2.30 19.30 22.23
N LEU A 18 -1.17 19.32 21.52
CA LEU A 18 -1.04 18.53 20.30
C LEU A 18 -1.16 17.04 20.59
N VAL A 19 -0.43 16.57 21.62
CA VAL A 19 -0.45 15.14 21.95
C VAL A 19 -1.84 14.72 22.40
N GLU A 20 -2.46 15.52 23.27
CA GLU A 20 -3.82 15.21 23.71
C GLU A 20 -4.80 15.23 22.54
N ALA A 21 -4.56 16.09 21.55
CA ALA A 21 -5.39 16.09 20.35
C ALA A 21 -5.27 14.76 19.62
N LEU A 22 -4.08 14.15 19.63
CA LEU A 22 -3.92 12.82 19.07
C LEU A 22 -4.65 11.77 19.91
N GLU A 23 -4.56 11.90 21.24
CA GLU A 23 -5.25 10.97 22.12
C GLU A 23 -6.75 10.96 21.87
N ARG A 24 -7.33 12.15 21.66
CA ARG A 24 -8.75 12.23 21.38
C ARG A 24 -9.11 11.67 20.01
N GLN A 25 -8.13 11.51 19.12
CA GLN A 25 -8.34 10.87 17.84
C GLN A 25 -8.15 9.35 17.90
N GLY A 26 -7.88 8.81 19.09
CA GLY A 26 -7.68 7.38 19.24
C GLY A 26 -6.33 6.89 18.79
N VAL A 27 -5.33 7.76 18.73
CA VAL A 27 -4.00 7.37 18.28
C VAL A 27 -3.30 6.61 19.39
N GLU A 28 -2.87 5.39 19.08
CA GLU A 28 -2.13 4.56 20.02
C GLU A 28 -0.64 4.46 19.69
N THR A 29 -0.25 4.68 18.44
CA THR A 29 1.13 4.49 18.03
C THR A 29 1.54 5.62 17.09
N VAL A 30 2.73 6.18 17.34
CA VAL A 30 3.32 7.20 16.48
C VAL A 30 4.75 6.79 16.17
N PHE A 31 5.26 7.29 15.04
CA PHE A 31 6.62 7.00 14.59
C PHE A 31 7.36 8.34 14.52
N ALA A 32 8.00 8.72 15.63
CA ALA A 32 8.58 10.04 15.78
C ALA A 32 10.09 9.95 15.94
N TYR A 33 10.79 10.83 15.23
CA TYR A 33 12.24 10.95 15.34
C TYR A 33 12.57 12.35 15.87
N PRO A 34 13.25 12.46 17.01
CA PRO A 34 13.38 13.76 17.67
C PRO A 34 14.36 14.69 16.98
N GLY A 35 14.14 15.98 17.20
CA GLY A 35 15.02 17.01 16.69
C GLY A 35 14.77 18.30 17.44
N GLY A 36 15.62 19.30 17.17
CA GLY A 36 15.58 20.53 17.94
C GLY A 36 14.25 21.24 17.88
N ALA A 37 13.60 21.22 16.71
CA ALA A 37 12.35 21.94 16.51
C ALA A 37 11.14 21.17 17.00
N SER A 38 11.30 19.93 17.45
CA SER A 38 10.18 19.13 17.91
C SER A 38 10.41 18.49 19.29
N MET A 39 11.41 18.96 20.03
CA MET A 39 11.69 18.39 21.34
C MET A 39 10.50 18.52 22.28
N GLU A 40 9.78 19.64 22.19
CA GLU A 40 8.61 19.85 23.04
C GLU A 40 7.56 18.79 22.79
N ILE A 41 7.36 18.40 21.53
CA ILE A 41 6.40 17.36 21.21
C ILE A 41 6.86 16.02 21.78
N HIS A 42 8.15 15.72 21.67
CA HIS A 42 8.67 14.46 22.20
C HIS A 42 8.58 14.43 23.72
N GLN A 43 8.87 15.57 24.37
CA GLN A 43 8.66 15.66 25.82
C GLN A 43 7.19 15.41 26.16
N ALA A 44 6.28 16.02 25.41
CA ALA A 44 4.85 15.82 25.66
C ALA A 44 4.41 14.39 25.36
N LEU A 45 5.13 13.68 24.50
CA LEU A 45 4.79 12.29 24.20
C LEU A 45 5.11 11.38 25.38
N THR A 46 6.19 11.66 26.11
CA THR A 46 6.53 10.87 27.27
C THR A 46 5.49 11.00 28.37
N ARG A 47 4.84 12.16 28.48
CA ARG A 47 3.80 12.36 29.47
C ARG A 47 2.54 11.59 29.14
N SER A 48 2.38 11.15 27.90
CA SER A 48 1.22 10.36 27.51
C SER A 48 1.43 8.90 27.85
N SER A 49 0.43 8.28 28.46
CA SER A 49 0.50 6.87 28.78
C SER A 49 -0.14 5.99 27.70
N SER A 50 -1.00 6.57 26.86
CA SER A 50 -1.72 5.80 25.85
C SER A 50 -1.05 5.80 24.48
N ILE A 51 -0.14 6.73 24.22
CA ILE A 51 0.52 6.84 22.92
C ILE A 51 1.92 6.25 23.04
N ARG A 52 2.20 5.24 22.23
CA ARG A 52 3.50 4.62 22.12
C ARG A 52 4.24 5.20 20.92
N ASN A 53 5.53 5.46 21.11
CA ASN A 53 6.38 5.95 20.03
C ASN A 53 7.32 4.84 19.59
N VAL A 54 7.36 4.58 18.29
CA VAL A 54 8.31 3.65 17.70
C VAL A 54 9.37 4.51 17.03
N LEU A 55 10.52 4.64 17.68
CA LEU A 55 11.61 5.46 17.16
C LEU A 55 12.32 4.76 16.01
N PRO A 56 12.21 5.27 14.78
CA PRO A 56 12.94 4.68 13.66
C PRO A 56 14.39 5.17 13.69
N ARG A 57 15.15 4.72 12.69
CA ARG A 57 16.52 5.19 12.51
C ARG A 57 16.65 6.14 11.33
N HIS A 58 15.55 6.40 10.63
CA HIS A 58 15.52 7.34 9.52
C HIS A 58 14.07 7.76 9.34
N GLU A 59 13.85 9.06 9.11
CA GLU A 59 12.48 9.56 9.02
C GLU A 59 11.74 8.95 7.85
N GLN A 60 12.44 8.62 6.76
CA GLN A 60 11.80 7.88 5.69
C GLN A 60 11.32 6.52 6.19
N GLY A 61 12.10 5.88 7.06
CA GLY A 61 11.63 4.69 7.74
C GLY A 61 10.46 4.97 8.65
N GLY A 62 10.41 6.16 9.23
CA GLY A 62 9.29 6.50 10.09
C GLY A 62 7.99 6.66 9.34
N VAL A 63 8.03 7.36 8.19
CA VAL A 63 6.81 7.58 7.43
C VAL A 63 6.38 6.30 6.71
N PHE A 64 7.34 5.52 6.23
CA PHE A 64 7.00 4.23 5.63
C PHE A 64 6.40 3.28 6.66
N ALA A 65 6.88 3.36 7.90
CA ALA A 65 6.28 2.57 8.98
C ALA A 65 4.85 3.02 9.25
N ALA A 66 4.61 4.33 9.23
CA ALA A 66 3.25 4.84 9.36
C ALA A 66 2.36 4.34 8.23
N GLU A 67 2.92 4.18 7.02
CA GLU A 67 2.16 3.62 5.92
C GLU A 67 1.76 2.18 6.20
N GLY A 68 2.74 1.34 6.55
CA GLY A 68 2.44 -0.04 6.89
C GLY A 68 1.44 -0.16 8.02
N TYR A 69 1.58 0.71 9.03
CA TYR A 69 0.58 0.78 10.10
C TYR A 69 -0.81 1.07 9.55
N ALA A 70 -0.89 1.91 8.53
CA ALA A 70 -2.19 2.33 8.00
C ALA A 70 -2.75 1.31 7.01
N ARG A 71 -1.95 0.90 6.03
CA ARG A 71 -2.44 -0.03 5.01
C ARG A 71 -2.87 -1.36 5.61
N SER A 72 -2.31 -1.74 6.75
CA SER A 72 -2.56 -3.03 7.37
C SER A 72 -3.54 -2.94 8.53
N SER A 73 -4.38 -1.91 8.57
CA SER A 73 -5.28 -1.73 9.70
C SER A 73 -6.51 -0.89 9.34
N GLY A 74 -6.39 -0.03 8.34
CA GLY A 74 -7.42 0.94 8.05
C GLY A 74 -7.36 2.20 8.89
N LYS A 75 -6.58 2.20 9.98
CA LYS A 75 -6.39 3.39 10.78
C LYS A 75 -5.46 4.36 10.06
N PRO A 76 -5.43 5.62 10.47
CA PRO A 76 -4.41 6.53 9.93
C PRO A 76 -3.08 6.32 10.61
N GLY A 77 -2.01 6.35 9.81
CA GLY A 77 -0.66 6.30 10.35
C GLY A 77 -0.15 7.69 10.67
N ILE A 78 0.54 7.80 11.80
CA ILE A 78 1.01 9.08 12.32
C ILE A 78 2.52 9.01 12.47
N CYS A 79 3.23 9.84 11.70
CA CYS A 79 4.66 10.00 11.82
C CYS A 79 4.96 11.45 12.21
N ILE A 80 6.03 11.64 12.99
CA ILE A 80 6.42 12.95 13.49
C ILE A 80 7.91 13.13 13.23
N ALA A 81 8.29 14.30 12.73
CA ALA A 81 9.68 14.60 12.43
C ALA A 81 9.97 16.03 12.83
N THR A 82 11.26 16.36 12.90
CA THR A 82 11.69 17.71 13.20
C THR A 82 11.75 18.53 11.90
N SER A 83 12.09 19.82 12.05
CA SER A 83 12.13 20.71 10.89
C SER A 83 13.31 20.35 9.99
N GLY A 84 13.38 21.05 8.86
CA GLY A 84 14.51 20.94 7.96
C GLY A 84 14.72 19.54 7.43
N PRO A 85 15.88 18.94 7.76
CA PRO A 85 16.20 17.62 7.21
C PRO A 85 15.28 16.52 7.69
N GLY A 86 14.73 16.66 8.90
CA GLY A 86 13.75 15.68 9.36
C GLY A 86 12.50 15.69 8.50
N ALA A 87 12.02 16.88 8.16
CA ALA A 87 10.82 17.00 7.34
C ALA A 87 11.07 16.51 5.92
N THR A 88 12.18 16.96 5.31
CA THR A 88 12.47 16.57 3.94
C THR A 88 12.68 15.06 3.80
N ASN A 89 13.01 14.37 4.88
CA ASN A 89 13.14 12.92 4.82
C ASN A 89 11.78 12.21 4.80
N LEU A 90 10.69 12.94 5.00
CA LEU A 90 9.34 12.38 4.89
C LEU A 90 8.78 12.46 3.49
N VAL A 91 9.47 13.13 2.57
CA VAL A 91 8.87 13.51 1.28
C VAL A 91 8.45 12.27 0.49
N SER A 92 9.36 11.29 0.38
CA SER A 92 9.05 10.09 -0.39
C SER A 92 7.82 9.36 0.18
N GLY A 93 7.67 9.36 1.51
CA GLY A 93 6.53 8.71 2.11
C GLY A 93 5.23 9.47 1.87
N LEU A 94 5.28 10.80 1.91
CA LEU A 94 4.09 11.60 1.66
C LEU A 94 3.58 11.41 0.25
N ALA A 95 4.46 11.54 -0.74
CA ALA A 95 4.07 11.29 -2.13
C ALA A 95 3.60 9.85 -2.31
N ASP A 96 4.21 8.92 -1.58
CA ASP A 96 3.78 7.52 -1.66
C ASP A 96 2.36 7.37 -1.14
N ALA A 97 2.09 7.92 0.05
CA ALA A 97 0.75 7.80 0.63
C ALA A 97 -0.29 8.52 -0.21
N LEU A 98 0.11 9.56 -0.94
CA LEU A 98 -0.84 10.28 -1.78
C LEU A 98 -1.29 9.43 -2.97
N LEU A 99 -0.32 8.88 -3.70
CA LEU A 99 -0.64 8.13 -4.92
C LEU A 99 -1.39 6.84 -4.60
N ASP A 100 -1.15 6.25 -3.44
CA ASP A 100 -1.82 5.02 -3.03
C ASP A 100 -3.04 5.28 -2.15
N SER A 101 -3.35 6.54 -1.87
CA SER A 101 -4.52 6.92 -1.08
C SER A 101 -4.51 6.24 0.29
N VAL A 102 -3.43 6.47 1.02
CA VAL A 102 -3.22 5.89 2.35
C VAL A 102 -3.52 6.97 3.39
N PRO A 103 -4.40 6.71 4.35
CA PRO A 103 -4.67 7.70 5.41
C PRO A 103 -3.43 7.89 6.29
N LEU A 104 -2.91 9.11 6.31
CA LEU A 104 -1.66 9.37 7.00
C LEU A 104 -1.64 10.83 7.48
N VAL A 105 -1.15 11.02 8.70
CA VAL A 105 -1.05 12.34 9.32
C VAL A 105 0.39 12.55 9.74
N ALA A 106 1.08 13.48 9.07
CA ALA A 106 2.48 13.77 9.35
C ALA A 106 2.58 15.10 10.09
N ILE A 107 3.30 15.10 11.21
CA ILE A 107 3.52 16.29 12.02
C ILE A 107 5.00 16.63 11.97
N THR A 108 5.32 17.82 11.50
CA THR A 108 6.69 18.31 11.44
C THR A 108 6.86 19.50 12.37
N GLY A 109 7.97 19.53 13.10
CA GLY A 109 8.34 20.73 13.82
C GLY A 109 8.81 21.81 12.87
N GLN A 110 8.84 23.04 13.38
CA GLN A 110 9.24 24.18 12.58
C GLN A 110 9.90 25.21 13.48
N VAL A 111 10.75 26.04 12.87
CA VAL A 111 11.34 27.15 13.60
C VAL A 111 10.22 28.07 14.11
N THR A 112 10.56 28.90 15.09
CA THR A 112 9.59 29.84 15.63
C THR A 112 9.03 30.74 14.53
N ARG A 113 7.80 31.21 14.73
CA ARG A 113 7.09 31.93 13.68
C ARG A 113 7.87 33.15 13.20
N ARG A 114 8.53 33.86 14.12
CA ARG A 114 9.29 35.04 13.73
C ARG A 114 10.53 34.70 12.92
N MET A 115 10.96 33.44 12.92
CA MET A 115 12.12 33.02 12.16
C MET A 115 11.78 32.49 10.77
N ILE A 116 10.50 32.33 10.46
CA ILE A 116 10.10 31.76 9.17
C ILE A 116 10.41 32.74 8.05
N GLY A 117 10.98 32.23 6.96
CA GLY A 117 11.33 33.04 5.82
C GLY A 117 12.69 33.70 5.90
N THR A 118 13.37 33.61 7.03
CA THR A 118 14.66 34.26 7.23
C THR A 118 15.84 33.33 6.97
N ASP A 119 15.61 32.18 6.33
CA ASP A 119 16.64 31.17 6.12
C ASP A 119 17.28 30.76 7.44
N ALA A 120 16.43 30.49 8.43
CA ALA A 120 16.88 30.19 9.77
C ALA A 120 17.49 28.79 9.83
N PHE A 121 18.07 28.47 10.99
CA PHE A 121 18.72 27.19 11.21
C PHE A 121 17.71 26.05 11.10
N GLN A 122 17.98 25.10 10.21
CA GLN A 122 17.13 23.94 9.99
C GLN A 122 15.71 24.34 9.61
N GLU A 123 15.60 25.29 8.69
CA GLU A 123 14.31 25.74 8.18
C GLU A 123 14.18 25.40 6.70
N THR A 124 13.06 24.78 6.34
CA THR A 124 12.68 24.57 4.96
C THR A 124 11.18 24.82 4.86
N PRO A 125 10.71 25.43 3.79
CA PRO A 125 9.26 25.61 3.62
C PRO A 125 8.56 24.30 3.32
N ILE A 126 8.43 23.45 4.32
CA ILE A 126 7.91 22.10 4.08
C ILE A 126 6.47 22.15 3.60
N VAL A 127 5.72 23.19 3.99
CA VAL A 127 4.35 23.32 3.48
C VAL A 127 4.38 23.65 1.99
N GLU A 128 5.25 24.57 1.58
CA GLU A 128 5.39 24.88 0.16
C GLU A 128 5.94 23.71 -0.62
N VAL A 129 6.80 22.90 0.01
CA VAL A 129 7.40 21.76 -0.68
C VAL A 129 6.39 20.65 -0.88
N THR A 130 5.59 20.35 0.14
CA THR A 130 4.73 19.17 0.14
C THR A 130 3.32 19.44 -0.34
N ARG A 131 3.00 20.67 -0.76
CA ARG A 131 1.62 20.99 -1.13
C ARG A 131 1.13 20.14 -2.30
N SER A 132 2.01 19.81 -3.24
CA SER A 132 1.63 19.03 -4.40
C SER A 132 1.75 17.52 -4.18
N ILE A 133 2.17 17.08 -3.01
CA ILE A 133 2.32 15.65 -2.74
C ILE A 133 1.62 15.29 -1.45
N THR A 134 0.64 16.09 -1.05
CA THR A 134 -0.22 15.77 0.09
C THR A 134 -1.67 16.09 -0.28
N LYS A 135 -2.60 15.45 0.43
CA LYS A 135 -4.00 15.78 0.26
C LYS A 135 -4.27 17.20 0.73
N HIS A 136 -3.62 17.63 1.80
CA HIS A 136 -3.73 18.96 2.37
C HIS A 136 -2.64 19.10 3.41
N ASN A 137 -2.23 20.34 3.67
CA ASN A 137 -1.28 20.60 4.74
C ASN A 137 -1.65 21.89 5.45
N TYR A 138 -1.04 22.09 6.61
CA TYR A 138 -1.34 23.23 7.46
C TYR A 138 -0.04 23.85 7.97
N LEU A 139 -0.12 25.13 8.32
CA LEU A 139 0.93 25.81 9.07
C LEU A 139 0.27 26.46 10.27
N VAL A 140 0.45 25.88 11.45
CA VAL A 140 -0.20 26.38 12.65
C VAL A 140 0.43 27.71 13.03
N MET A 141 -0.39 28.76 13.04
CA MET A 141 0.08 30.09 13.39
C MET A 141 -0.35 30.56 14.78
N ASP A 142 -1.21 29.80 15.45
CA ASP A 142 -1.64 30.16 16.79
C ASP A 142 -1.94 28.89 17.56
N VAL A 143 -1.58 28.88 18.86
CA VAL A 143 -1.73 27.67 19.66
C VAL A 143 -3.20 27.27 19.78
N GLU A 144 -4.11 28.23 19.67
CA GLU A 144 -5.53 27.91 19.78
C GLU A 144 -6.06 27.18 18.56
N ASP A 145 -5.32 27.14 17.45
CA ASP A 145 -5.75 26.42 16.26
C ASP A 145 -5.35 24.95 16.27
N ILE A 146 -4.58 24.51 17.27
CA ILE A 146 -4.13 23.11 17.29
C ILE A 146 -5.29 22.13 17.39
N PRO A 147 -6.23 22.26 18.33
CA PRO A 147 -7.32 21.28 18.40
C PRO A 147 -8.16 21.22 17.13
N ARG A 148 -8.34 22.35 16.45
CA ARG A 148 -9.13 22.35 15.22
C ARG A 148 -8.34 21.77 14.05
N ILE A 149 -7.07 22.15 13.90
CA ILE A 149 -6.28 21.70 12.76
C ILE A 149 -6.05 20.20 12.85
N ILE A 150 -5.76 19.68 14.04
CA ILE A 150 -5.54 18.26 14.20
C ILE A 150 -6.81 17.47 13.89
N GLU A 151 -7.97 18.02 14.28
CA GLU A 151 -9.23 17.36 13.94
C GLU A 151 -9.47 17.39 12.44
N GLU A 152 -9.24 18.54 11.79
CA GLU A 152 -9.39 18.63 10.35
C GLU A 152 -8.40 17.72 9.64
N ALA A 153 -7.18 17.59 10.18
CA ALA A 153 -6.16 16.77 9.54
C ALA A 153 -6.58 15.30 9.51
N PHE A 154 -7.03 14.78 10.65
CA PHE A 154 -7.46 13.39 10.70
C PHE A 154 -8.73 13.18 9.87
N PHE A 155 -9.64 14.14 9.90
CA PHE A 155 -10.84 14.03 9.08
C PHE A 155 -10.50 14.00 7.59
N LEU A 156 -9.60 14.88 7.16
CA LEU A 156 -9.24 14.93 5.74
C LEU A 156 -8.45 13.69 5.33
N ALA A 157 -7.60 13.18 6.22
CA ALA A 157 -6.74 12.06 5.86
C ALA A 157 -7.51 10.75 5.75
N THR A 158 -8.65 10.64 6.44
CA THR A 158 -9.40 9.39 6.50
C THR A 158 -10.69 9.40 5.72
N SER A 159 -11.38 10.54 5.63
CA SER A 159 -12.66 10.60 4.94
C SER A 159 -12.45 10.70 3.43
N GLY A 160 -13.50 10.36 2.69
CA GLY A 160 -13.46 10.41 1.24
C GLY A 160 -12.35 9.54 0.70
N ARG A 161 -11.65 10.06 -0.30
CA ARG A 161 -10.45 9.38 -0.77
C ARG A 161 -9.32 9.67 0.19
N PRO A 162 -8.82 8.67 0.93
CA PRO A 162 -7.80 8.95 1.96
C PRO A 162 -6.51 9.47 1.34
N GLY A 163 -5.68 10.05 2.20
CA GLY A 163 -4.43 10.62 1.78
C GLY A 163 -3.63 11.20 2.93
N PRO A 164 -2.42 11.67 2.64
CA PRO A 164 -1.58 12.25 3.69
C PRO A 164 -1.89 13.72 3.95
N VAL A 165 -1.91 14.08 5.23
CA VAL A 165 -2.10 15.47 5.65
C VAL A 165 -0.93 15.83 6.56
N LEU A 166 -0.20 16.88 6.21
CA LEU A 166 0.96 17.33 6.97
C LEU A 166 0.57 18.55 7.81
N VAL A 167 1.06 18.58 9.06
CA VAL A 167 0.80 19.68 9.97
C VAL A 167 2.13 20.21 10.46
N ASP A 168 2.50 21.41 10.01
CA ASP A 168 3.74 22.06 10.41
C ASP A 168 3.48 22.89 11.66
N VAL A 169 4.25 22.64 12.71
CA VAL A 169 4.05 23.28 14.01
C VAL A 169 5.32 24.01 14.40
N PRO A 170 5.30 25.34 14.53
CA PRO A 170 6.50 26.06 14.96
C PRO A 170 6.81 25.81 16.43
N LYS A 171 8.10 26.03 16.77
CA LYS A 171 8.57 25.69 18.11
C LYS A 171 7.91 26.55 19.18
N ASP A 172 7.72 27.84 18.91
CA ASP A 172 7.10 28.72 19.90
C ASP A 172 5.66 28.34 20.19
N ILE A 173 4.95 27.80 19.19
CA ILE A 173 3.58 27.35 19.41
C ILE A 173 3.55 26.15 20.35
N GLN A 174 4.56 25.28 20.26
CA GLN A 174 4.63 24.13 21.15
C GLN A 174 4.88 24.55 22.59
N GLN A 175 5.63 25.63 22.79
CA GLN A 175 5.96 26.07 24.15
C GLN A 175 4.88 26.95 24.75
N GLN A 176 4.12 27.66 23.92
CA GLN A 176 3.13 28.60 24.42
C GLN A 176 2.05 27.88 25.20
N LEU A 177 1.70 28.43 26.36
CA LEU A 177 0.66 27.85 27.20
C LEU A 177 -0.71 28.33 26.75
N ALA A 178 -1.70 27.44 26.86
CA ALA A 178 -3.06 27.76 26.46
C ALA A 178 -4.01 26.72 27.05
N ILE A 179 -5.29 27.07 27.06
CA ILE A 179 -6.37 26.19 27.47
C ILE A 179 -7.13 25.77 26.22
N PRO A 180 -6.96 24.55 25.72
CA PRO A 180 -7.51 24.19 24.42
C PRO A 180 -9.03 24.13 24.43
N ASN A 181 -9.63 24.50 23.29
CA ASN A 181 -11.07 24.43 23.09
C ASN A 181 -11.33 23.21 22.20
N TRP A 182 -11.72 22.10 22.82
CA TRP A 182 -11.95 20.87 22.10
C TRP A 182 -13.30 20.84 21.37
N GLU A 183 -14.20 21.76 21.69
CA GLU A 183 -15.50 21.84 21.05
C GLU A 183 -15.49 22.71 19.79
N GLN A 184 -14.33 22.92 19.18
CA GLN A 184 -14.23 23.76 18.00
C GLN A 184 -14.89 23.10 16.80
N ALA A 185 -15.41 23.92 15.90
CA ALA A 185 -16.04 23.46 14.67
C ALA A 185 -15.03 23.52 13.54
N MET A 186 -14.98 22.46 12.73
CA MET A 186 -14.02 22.37 11.64
C MET A 186 -14.38 23.36 10.53
N ARG A 187 -13.36 24.01 9.98
CA ARG A 187 -13.54 24.96 8.89
C ARG A 187 -13.31 24.26 7.55
N LEU A 188 -14.20 23.32 7.25
CA LEU A 188 -14.17 22.58 5.98
C LEU A 188 -15.54 22.64 5.31
N PRO A 189 -16.03 23.84 4.99
CA PRO A 189 -17.39 23.93 4.45
C PRO A 189 -17.51 23.40 3.03
N GLY A 190 -16.56 23.73 2.16
CA GLY A 190 -16.63 23.28 0.78
C GLY A 190 -16.34 21.81 0.64
N TYR A 191 -15.36 21.30 1.39
CA TYR A 191 -15.00 19.89 1.28
C TYR A 191 -16.14 18.99 1.74
N MET A 192 -16.85 19.37 2.79
CA MET A 192 -17.95 18.55 3.28
C MET A 192 -19.15 18.60 2.35
N SER A 193 -19.39 19.74 1.71
CA SER A 193 -20.46 19.81 0.71
C SER A 193 -20.11 18.98 -0.53
N ARG A 194 -18.82 18.88 -0.84
CA ARG A 194 -18.36 18.07 -1.96
C ARG A 194 -18.28 16.58 -1.63
N MET A 195 -18.51 16.21 -0.37
CA MET A 195 -18.45 14.79 0.00
C MET A 195 -19.57 14.02 -0.69
N PRO A 196 -19.27 12.87 -1.28
CA PRO A 196 -20.30 12.14 -2.02
C PRO A 196 -21.43 11.68 -1.11
N LYS A 197 -22.62 11.60 -1.69
CA LYS A 197 -23.83 11.16 -1.01
C LYS A 197 -23.98 9.65 -1.16
N PRO A 198 -24.78 9.02 -0.30
CA PRO A 198 -25.11 7.61 -0.51
C PRO A 198 -25.73 7.40 -1.88
N PRO A 199 -25.42 6.30 -2.55
CA PRO A 199 -25.85 6.14 -3.94
C PRO A 199 -27.36 5.96 -4.05
N GLU A 200 -27.94 6.57 -5.07
CA GLU A 200 -29.38 6.48 -5.30
C GLU A 200 -29.75 5.11 -5.83
N ASP A 201 -30.98 4.68 -5.53
CA ASP A 201 -31.51 3.45 -6.10
C ASP A 201 -31.66 3.54 -7.60
N SER A 202 -31.76 4.75 -8.15
CA SER A 202 -31.87 4.93 -9.59
C SER A 202 -30.63 4.41 -10.31
N HIS A 203 -29.45 4.84 -9.84
CA HIS A 203 -28.21 4.41 -10.49
C HIS A 203 -27.92 2.94 -10.25
N LEU A 204 -28.25 2.44 -9.06
CA LEU A 204 -27.93 1.05 -8.72
C LEU A 204 -28.76 0.07 -9.54
N GLU A 205 -30.04 0.39 -9.78
CA GLU A 205 -30.87 -0.52 -10.55
C GLU A 205 -30.46 -0.56 -12.02
N GLN A 206 -29.97 0.56 -12.56
CA GLN A 206 -29.47 0.55 -13.94
C GLN A 206 -28.23 -0.32 -14.07
N ILE A 207 -27.43 -0.41 -13.01
CA ILE A 207 -26.27 -1.30 -13.04
C ILE A 207 -26.71 -2.76 -13.04
N VAL A 208 -27.59 -3.13 -12.11
CA VAL A 208 -28.12 -4.49 -12.08
C VAL A 208 -28.82 -4.80 -13.39
N ARG A 209 -29.47 -3.80 -13.99
CA ARG A 209 -30.07 -3.98 -15.30
C ARG A 209 -29.02 -4.36 -16.33
N LEU A 210 -27.89 -3.66 -16.35
CA LEU A 210 -26.83 -3.95 -17.30
C LEU A 210 -26.14 -5.28 -17.02
N ILE A 211 -26.19 -5.76 -15.77
CA ILE A 211 -25.61 -7.06 -15.44
C ILE A 211 -26.40 -8.18 -16.09
N SER A 212 -27.73 -8.10 -16.04
CA SER A 212 -28.56 -9.14 -16.64
C SER A 212 -28.47 -9.11 -18.16
N GLU A 213 -28.37 -7.91 -18.75
CA GLU A 213 -28.25 -7.80 -20.20
C GLU A 213 -26.88 -8.23 -20.72
N SER A 214 -25.89 -8.30 -19.86
CA SER A 214 -24.53 -8.64 -20.26
C SER A 214 -24.34 -10.14 -20.31
N LYS A 215 -23.41 -10.58 -21.16
CA LYS A 215 -23.05 -11.98 -21.27
C LYS A 215 -21.59 -12.26 -20.95
N LYS A 216 -20.74 -11.24 -20.89
CA LYS A 216 -19.32 -11.39 -20.57
C LYS A 216 -18.91 -10.33 -19.55
N PRO A 217 -19.40 -10.43 -18.32
CA PRO A 217 -19.06 -9.42 -17.30
C PRO A 217 -17.79 -9.75 -16.55
N VAL A 218 -17.01 -8.71 -16.26
CA VAL A 218 -15.76 -8.83 -15.51
C VAL A 218 -15.74 -7.77 -14.42
N LEU A 219 -15.35 -8.17 -13.22
CA LEU A 219 -15.18 -7.24 -12.11
C LEU A 219 -13.75 -6.69 -12.11
N TYR A 220 -13.63 -5.37 -12.05
CA TYR A 220 -12.36 -4.65 -12.07
C TYR A 220 -12.21 -4.01 -10.68
N VAL A 221 -11.59 -4.74 -9.77
CA VAL A 221 -11.55 -4.39 -8.36
C VAL A 221 -10.19 -3.82 -8.01
N GLY A 222 -10.18 -2.69 -7.31
CA GLY A 222 -8.94 -2.04 -6.94
C GLY A 222 -8.86 -1.67 -5.47
N GLY A 223 -7.99 -0.73 -5.13
CA GLY A 223 -7.75 -0.36 -3.74
C GLY A 223 -8.94 0.25 -3.04
N GLY A 224 -9.97 0.66 -3.78
CA GLY A 224 -11.15 1.23 -3.16
C GLY A 224 -12.05 0.23 -2.46
N CYS A 225 -11.75 -1.07 -2.57
CA CYS A 225 -12.59 -2.11 -1.99
C CYS A 225 -11.97 -2.74 -0.76
N LEU A 226 -10.86 -2.18 -0.24
CA LEU A 226 -10.18 -2.78 0.90
C LEU A 226 -11.07 -2.87 2.14
N ASN A 227 -12.13 -2.07 2.22
CA ASN A 227 -13.07 -2.12 3.32
C ASN A 227 -14.40 -2.76 2.95
N SER A 228 -14.53 -3.22 1.72
CA SER A 228 -15.75 -3.86 1.23
C SER A 228 -15.54 -5.34 0.98
N SER A 229 -14.76 -6.00 1.85
CA SER A 229 -14.46 -7.42 1.66
C SER A 229 -15.72 -8.26 1.65
N ASP A 230 -16.57 -8.11 2.68
CA ASP A 230 -17.79 -8.90 2.76
C ASP A 230 -18.79 -8.49 1.69
N GLU A 231 -18.94 -7.18 1.46
CA GLU A 231 -19.91 -6.71 0.49
C GLU A 231 -19.58 -7.19 -0.91
N LEU A 232 -18.28 -7.21 -1.26
CA LEU A 232 -17.89 -7.70 -2.58
C LEU A 232 -18.10 -9.20 -2.70
N GLY A 233 -17.75 -9.95 -1.65
CA GLY A 233 -17.97 -11.39 -1.68
C GLY A 233 -19.43 -11.76 -1.83
N ARG A 234 -20.31 -11.07 -1.10
CA ARG A 234 -21.74 -11.28 -1.26
C ARG A 234 -22.20 -10.91 -2.67
N PHE A 235 -21.61 -9.85 -3.24
CA PHE A 235 -21.98 -9.43 -4.59
C PHE A 235 -21.60 -10.49 -5.62
N VAL A 236 -20.52 -11.23 -5.38
CA VAL A 236 -20.09 -12.24 -6.34
C VAL A 236 -21.00 -13.47 -6.28
N GLU A 237 -21.48 -13.82 -5.07
CA GLU A 237 -22.42 -14.93 -4.96
C GLU A 237 -23.68 -14.68 -5.77
N LEU A 238 -24.20 -13.45 -5.73
CA LEU A 238 -25.44 -13.13 -6.39
C LEU A 238 -25.28 -12.96 -7.91
N THR A 239 -24.06 -12.75 -8.39
CA THR A 239 -23.83 -12.57 -9.82
C THR A 239 -22.95 -13.65 -10.44
N GLY A 240 -21.98 -14.18 -9.71
CA GLY A 240 -21.04 -15.12 -10.30
C GLY A 240 -20.09 -14.51 -11.29
N ILE A 241 -19.84 -13.21 -11.20
CA ILE A 241 -18.95 -12.53 -12.14
C ILE A 241 -17.50 -12.75 -11.69
N PRO A 242 -16.59 -13.09 -12.60
CA PRO A 242 -15.19 -13.26 -12.22
C PRO A 242 -14.57 -11.93 -11.78
N VAL A 243 -13.59 -12.02 -10.89
CA VAL A 243 -13.02 -10.86 -10.21
C VAL A 243 -11.57 -10.71 -10.66
N ALA A 244 -11.28 -9.64 -11.38
CA ALA A 244 -9.91 -9.27 -11.73
C ALA A 244 -9.49 -8.10 -10.84
N SER A 245 -8.44 -8.31 -10.06
CA SER A 245 -8.00 -7.35 -9.06
C SER A 245 -6.73 -6.63 -9.50
N THR A 246 -6.53 -5.42 -8.97
CA THR A 246 -5.34 -4.64 -9.25
C THR A 246 -4.27 -4.92 -8.20
N LEU A 247 -3.10 -4.32 -8.40
CA LEU A 247 -2.02 -4.48 -7.42
C LEU A 247 -2.43 -3.96 -6.05
N MET A 248 -3.31 -2.97 -6.00
CA MET A 248 -3.75 -2.39 -4.74
C MET A 248 -4.93 -3.13 -4.13
N GLY A 249 -5.79 -3.73 -4.96
CA GLY A 249 -6.95 -4.43 -4.47
C GLY A 249 -6.73 -5.89 -4.12
N LEU A 250 -5.50 -6.37 -4.13
CA LEU A 250 -5.23 -7.77 -3.86
C LEU A 250 -5.70 -8.15 -2.46
N GLY A 251 -6.53 -9.18 -2.37
CA GLY A 251 -7.08 -9.64 -1.12
C GLY A 251 -8.53 -9.25 -0.91
N SER A 252 -9.03 -8.25 -1.63
CA SER A 252 -10.44 -7.86 -1.50
C SER A 252 -11.35 -9.04 -1.79
N TYR A 253 -11.10 -9.73 -2.90
CA TYR A 253 -11.73 -11.00 -3.19
C TYR A 253 -10.66 -12.08 -3.16
N PRO A 254 -10.82 -13.14 -2.36
CA PRO A 254 -9.83 -14.21 -2.14
C PRO A 254 -9.14 -14.69 -3.42
N CSD A 255 -7.81 -14.66 -3.42
CA CSD A 255 -7.03 -14.98 -4.61
CB CSD A 255 -5.59 -14.51 -4.45
SG CSD A 255 -5.43 -12.76 -4.91
C CSD A 255 -7.07 -16.48 -4.91
O CSD A 255 -6.80 -16.89 -6.07
OD1 CSD A 255 -5.97 -11.73 -4.03
OD2 CSD A 255 -4.67 -12.33 -6.31
N ASP A 256 -7.41 -17.30 -3.92
CA ASP A 256 -7.43 -18.75 -4.08
C ASP A 256 -8.79 -19.26 -4.54
N ASP A 257 -9.73 -18.34 -4.76
CA ASP A 257 -11.08 -18.73 -5.13
C ASP A 257 -11.15 -19.06 -6.62
N GLU A 258 -12.11 -19.93 -6.97
CA GLU A 258 -12.26 -20.38 -8.35
C GLU A 258 -12.75 -19.26 -9.26
N LEU A 259 -13.40 -18.24 -8.72
CA LEU A 259 -13.87 -17.11 -9.51
C LEU A 259 -12.84 -15.99 -9.60
N SER A 260 -11.67 -16.16 -8.98
CA SER A 260 -10.67 -15.11 -8.95
C SER A 260 -9.80 -15.18 -10.20
N LEU A 261 -9.79 -14.08 -10.97
CA LEU A 261 -8.88 -13.93 -12.09
C LEU A 261 -7.50 -13.44 -11.68
N HIS A 262 -7.26 -13.27 -10.38
CA HIS A 262 -5.98 -12.77 -9.86
C HIS A 262 -5.69 -11.38 -10.40
N MET A 263 -4.42 -11.00 -10.46
CA MET A 263 -4.09 -9.64 -10.85
C MET A 263 -4.13 -9.47 -12.36
N LEU A 264 -4.58 -8.30 -12.80
CA LEU A 264 -4.55 -7.91 -14.20
C LEU A 264 -3.58 -6.76 -14.39
N GLY A 265 -3.27 -6.47 -15.65
CA GLY A 265 -2.41 -5.34 -15.97
C GLY A 265 -1.14 -5.71 -16.70
N MET A 266 -0.14 -4.83 -16.63
CA MET A 266 1.13 -5.05 -17.34
C MET A 266 1.74 -6.40 -16.96
N HIS A 267 1.82 -6.68 -15.66
CA HIS A 267 2.28 -7.97 -15.17
C HIS A 267 1.14 -8.81 -14.61
N GLY A 268 -0.07 -8.61 -15.13
CA GLY A 268 -1.21 -9.41 -14.73
C GLY A 268 -1.31 -10.69 -15.54
N THR A 269 -2.09 -11.63 -15.02
CA THR A 269 -2.24 -12.93 -15.65
C THR A 269 -2.84 -12.80 -17.04
N VAL A 270 -2.58 -13.80 -17.88
CA VAL A 270 -3.06 -13.76 -19.26
C VAL A 270 -4.58 -13.85 -19.29
N TYR A 271 -5.18 -14.63 -18.38
CA TYR A 271 -6.63 -14.80 -18.39
C TYR A 271 -7.35 -13.57 -17.84
N ALA A 272 -6.75 -12.86 -16.87
CA ALA A 272 -7.37 -11.65 -16.36
C ALA A 272 -7.43 -10.57 -17.43
N ASN A 273 -6.32 -10.37 -18.15
CA ASN A 273 -6.31 -9.40 -19.23
C ASN A 273 -7.20 -9.85 -20.39
N TYR A 274 -7.27 -11.16 -20.63
CA TYR A 274 -8.18 -11.68 -21.65
C TYR A 274 -9.63 -11.37 -21.30
N ALA A 275 -10.00 -11.53 -20.04
CA ALA A 275 -11.38 -11.29 -19.63
C ALA A 275 -11.79 -9.85 -19.86
N VAL A 276 -10.91 -8.90 -19.53
CA VAL A 276 -11.23 -7.49 -19.74
C VAL A 276 -11.21 -7.16 -21.22
N GLU A 277 -10.32 -7.79 -21.98
CA GLU A 277 -10.23 -7.51 -23.42
C GLU A 277 -11.50 -7.92 -24.15
N HIS A 278 -12.09 -9.04 -23.74
CA HIS A 278 -13.24 -9.61 -24.43
C HIS A 278 -14.51 -9.55 -23.59
N SER A 279 -14.65 -8.51 -22.77
CA SER A 279 -15.84 -8.33 -21.95
C SER A 279 -16.79 -7.35 -22.61
N ASP A 280 -18.07 -7.46 -22.23
CA ASP A 280 -19.08 -6.49 -22.64
C ASP A 280 -19.56 -5.62 -21.49
N LEU A 281 -19.25 -5.99 -20.24
CA LEU A 281 -19.59 -5.18 -19.08
C LEU A 281 -18.42 -5.20 -18.13
N LEU A 282 -17.80 -4.05 -17.89
CA LEU A 282 -16.66 -3.91 -17.00
C LEU A 282 -17.11 -3.16 -15.76
N LEU A 283 -17.15 -3.85 -14.62
CA LEU A 283 -17.57 -3.25 -13.35
C LEU A 283 -16.32 -2.78 -12.61
N ALA A 284 -15.92 -1.53 -12.88
CA ALA A 284 -14.72 -0.95 -12.27
C ALA A 284 -15.10 -0.38 -10.91
N PHE A 285 -14.78 -1.13 -9.84
CA PHE A 285 -15.12 -0.74 -8.47
C PHE A 285 -13.84 -0.41 -7.73
N GLY A 286 -13.68 0.86 -7.37
CA GLY A 286 -12.53 1.28 -6.57
C GLY A 286 -11.21 1.26 -7.31
N VAL A 287 -11.20 1.66 -8.58
CA VAL A 287 -9.99 1.69 -9.39
C VAL A 287 -9.81 3.10 -9.95
N ARG A 288 -8.63 3.35 -10.52
CA ARG A 288 -8.34 4.64 -11.12
C ARG A 288 -7.79 4.52 -12.54
N PHE A 289 -7.97 3.35 -13.18
CA PHE A 289 -7.64 3.15 -14.59
C PHE A 289 -6.21 3.56 -14.90
N ASP A 290 -5.27 2.93 -14.18
CA ASP A 290 -3.86 3.26 -14.34
C ASP A 290 -3.33 2.72 -15.67
N ASP A 291 -2.27 3.37 -16.17
CA ASP A 291 -1.62 2.90 -17.38
C ASP A 291 -0.95 1.54 -17.19
N ARG A 292 -0.61 1.18 -15.95
CA ARG A 292 -0.11 -0.16 -15.68
C ARG A 292 -1.18 -1.22 -15.90
N VAL A 293 -2.46 -0.84 -15.84
CA VAL A 293 -3.56 -1.78 -16.02
C VAL A 293 -4.13 -1.70 -17.43
N THR A 294 -4.26 -0.50 -17.97
CA THR A 294 -4.92 -0.33 -19.26
C THR A 294 -3.95 -0.37 -20.43
N GLY A 295 -2.75 0.17 -20.26
CA GLY A 295 -1.84 0.32 -21.38
C GLY A 295 -2.39 1.33 -22.37
N LYS A 296 -2.72 0.88 -23.58
CA LYS A 296 -3.37 1.75 -24.56
C LYS A 296 -4.84 1.86 -24.22
N LEU A 297 -5.29 3.07 -23.85
CA LEU A 297 -6.65 3.26 -23.37
C LEU A 297 -7.70 2.89 -24.42
N GLU A 298 -7.41 3.14 -25.70
CA GLU A 298 -8.40 2.87 -26.74
C GLU A 298 -8.67 1.38 -26.89
N ALA A 299 -7.71 0.53 -26.55
CA ALA A 299 -7.86 -0.91 -26.67
C ALA A 299 -8.26 -1.59 -25.36
N PHE A 300 -8.25 -0.85 -24.25
CA PHE A 300 -8.61 -1.42 -22.96
C PHE A 300 -10.14 -1.51 -22.84
N ALA A 301 -10.66 -2.73 -22.76
CA ALA A 301 -12.09 -2.98 -22.71
C ALA A 301 -12.81 -2.28 -23.85
N SER A 302 -12.29 -2.48 -25.07
CA SER A 302 -12.73 -1.74 -26.24
C SER A 302 -14.17 -2.06 -26.66
N ARG A 303 -14.76 -3.13 -26.14
CA ARG A 303 -16.11 -3.51 -26.50
C ARG A 303 -16.93 -3.83 -25.25
N ALA A 304 -16.80 -3.01 -24.22
CA ALA A 304 -17.45 -3.26 -22.94
C ALA A 304 -18.16 -2.01 -22.46
N LYS A 305 -19.35 -2.21 -21.87
CA LYS A 305 -20.04 -1.14 -21.16
C LYS A 305 -19.37 -0.97 -19.79
N ILE A 306 -18.83 0.21 -19.54
CA ILE A 306 -17.96 0.43 -18.40
C ILE A 306 -18.75 1.12 -17.30
N VAL A 307 -18.95 0.41 -16.19
CA VAL A 307 -19.56 0.96 -14.99
C VAL A 307 -18.44 1.28 -14.00
N HIS A 308 -18.36 2.56 -13.60
CA HIS A 308 -17.27 3.03 -12.75
C HIS A 308 -17.85 3.60 -11.46
N ILE A 309 -17.47 3.02 -10.34
CA ILE A 309 -17.87 3.50 -9.02
C ILE A 309 -16.61 3.98 -8.29
N ASP A 310 -16.60 5.24 -7.88
CA ASP A 310 -15.43 5.82 -7.24
C ASP A 310 -15.88 6.94 -6.31
N ILE A 311 -15.23 7.05 -5.15
CA ILE A 311 -15.56 8.10 -4.19
C ILE A 311 -14.95 9.44 -4.55
N ASP A 312 -14.08 9.49 -5.55
CA ASP A 312 -13.46 10.72 -6.02
C ASP A 312 -14.04 11.06 -7.38
N SER A 313 -14.83 12.14 -7.44
CA SER A 313 -15.45 12.54 -8.69
C SER A 313 -14.42 12.91 -9.75
N ALA A 314 -13.20 13.28 -9.32
CA ALA A 314 -12.14 13.62 -10.27
C ALA A 314 -11.67 12.42 -11.07
N GLU A 315 -11.85 11.20 -10.56
CA GLU A 315 -11.38 10.00 -11.25
C GLU A 315 -12.38 9.48 -12.27
N ILE A 316 -13.65 9.85 -12.14
CA ILE A 316 -14.70 9.32 -13.01
C ILE A 316 -14.59 10.02 -14.37
N GLY A 317 -14.18 9.27 -15.39
CA GLY A 317 -14.02 9.80 -16.72
C GLY A 317 -12.70 10.50 -16.98
N LYS A 318 -11.71 10.33 -16.12
CA LYS A 318 -10.42 11.00 -16.32
C LYS A 318 -9.67 10.38 -17.49
N ASN A 319 -9.45 9.07 -17.45
CA ASN A 319 -8.73 8.36 -18.50
C ASN A 319 -9.64 7.54 -19.40
N LYS A 320 -10.65 6.88 -18.84
CA LYS A 320 -11.57 6.05 -19.59
C LYS A 320 -12.99 6.55 -19.37
N THR A 321 -13.68 6.91 -20.45
CA THR A 321 -15.03 7.44 -20.34
C THR A 321 -16.01 6.31 -20.08
N PRO A 322 -16.74 6.33 -18.97
CA PRO A 322 -17.67 5.24 -18.65
C PRO A 322 -19.07 5.49 -19.23
N HIS A 323 -19.85 4.41 -19.23
CA HIS A 323 -21.26 4.52 -19.60
C HIS A 323 -22.10 4.93 -18.39
N VAL A 324 -22.04 4.15 -17.32
CA VAL A 324 -22.73 4.44 -16.07
C VAL A 324 -21.67 4.74 -15.01
N SER A 325 -21.93 5.75 -14.18
CA SER A 325 -21.01 6.13 -13.12
C SER A 325 -21.78 6.35 -11.82
N VAL A 326 -21.11 6.10 -10.70
CA VAL A 326 -21.66 6.30 -9.37
C VAL A 326 -20.54 6.91 -8.52
N CYS A 327 -20.71 8.18 -8.15
CA CYS A 327 -19.73 8.87 -7.30
C CYS A 327 -20.14 8.67 -5.85
N GLY A 328 -19.47 7.74 -5.16
CA GLY A 328 -19.79 7.48 -3.77
C GLY A 328 -19.00 6.29 -3.26
N ASP A 329 -19.32 5.92 -2.02
CA ASP A 329 -18.65 4.80 -1.37
C ASP A 329 -19.07 3.49 -2.02
N VAL A 330 -18.09 2.76 -2.58
CA VAL A 330 -18.39 1.48 -3.21
C VAL A 330 -18.92 0.47 -2.20
N LYS A 331 -18.60 0.66 -0.91
CA LYS A 331 -19.16 -0.22 0.12
C LYS A 331 -20.67 -0.09 0.18
N LEU A 332 -21.18 1.14 0.13
CA LEU A 332 -22.63 1.35 0.12
C LEU A 332 -23.25 0.88 -1.19
N ALA A 333 -22.56 1.15 -2.31
CA ALA A 333 -23.08 0.75 -3.61
C ALA A 333 -23.25 -0.77 -3.70
N LEU A 334 -22.32 -1.52 -3.11
CA LEU A 334 -22.46 -2.97 -3.10
C LEU A 334 -23.62 -3.41 -2.21
N GLN A 335 -23.80 -2.76 -1.06
CA GLN A 335 -24.93 -3.08 -0.18
C GLN A 335 -26.25 -2.84 -0.89
N GLY A 336 -26.37 -1.74 -1.62
CA GLY A 336 -27.62 -1.46 -2.32
C GLY A 336 -27.88 -2.42 -3.46
N MET A 337 -26.83 -2.80 -4.19
CA MET A 337 -26.98 -3.76 -5.28
C MET A 337 -27.20 -5.18 -4.78
N ASN A 338 -26.73 -5.50 -3.57
CA ASN A 338 -26.96 -6.84 -3.03
C ASN A 338 -28.41 -7.06 -2.68
N LYS A 339 -29.08 -6.04 -2.13
CA LYS A 339 -30.51 -6.16 -1.84
C LYS A 339 -31.33 -6.27 -3.11
N VAL A 340 -30.93 -5.56 -4.17
CA VAL A 340 -31.62 -5.66 -5.45
C VAL A 340 -31.43 -7.05 -6.04
N LEU A 341 -30.19 -7.54 -6.04
CA LEU A 341 -29.91 -8.85 -6.61
C LEU A 341 -30.54 -9.97 -5.78
N GLU A 342 -30.71 -9.76 -4.48
CA GLU A 342 -31.27 -10.80 -3.63
C GLU A 342 -32.78 -10.91 -3.78
N ASN A 343 -33.49 -9.78 -3.81
CA ASN A 343 -34.94 -9.82 -3.99
C ASN A 343 -35.30 -10.26 -5.40
N ARG A 344 -34.73 -9.60 -6.40
CA ARG A 344 -34.99 -9.94 -7.81
C ARG A 344 -34.09 -11.08 -8.31
N ALA A 345 -33.84 -12.08 -7.46
CA ALA A 345 -32.96 -13.17 -7.86
C ALA A 345 -33.60 -14.03 -8.94
N GLU A 346 -34.79 -14.58 -8.67
CA GLU A 346 -35.47 -15.42 -9.63
C GLU A 346 -35.94 -14.65 -10.86
N GLU A 347 -36.15 -13.34 -10.74
CA GLU A 347 -36.55 -12.55 -11.88
C GLU A 347 -35.42 -12.39 -12.88
N LEU A 348 -34.17 -12.32 -12.41
CA LEU A 348 -33.02 -12.07 -13.27
C LEU A 348 -32.45 -13.35 -13.88
N LYS A 349 -32.35 -14.42 -13.10
CA LYS A 349 -31.78 -15.69 -13.54
C LYS A 349 -30.38 -15.47 -14.14
N LEU A 350 -29.47 -15.09 -13.25
CA LEU A 350 -28.10 -14.77 -13.65
C LEU A 350 -27.28 -16.05 -13.71
N ASP A 351 -26.65 -16.30 -14.86
CA ASP A 351 -25.76 -17.45 -15.03
C ASP A 351 -24.79 -17.12 -16.15
N PHE A 352 -23.51 -16.94 -15.80
CA PHE A 352 -22.46 -16.65 -16.76
C PHE A 352 -21.48 -17.82 -16.90
N GLY A 353 -21.98 -19.05 -16.71
CA GLY A 353 -21.10 -20.21 -16.79
C GLY A 353 -20.45 -20.37 -18.15
N VAL A 354 -21.09 -19.89 -19.20
CA VAL A 354 -20.49 -19.92 -20.53
C VAL A 354 -19.29 -18.98 -20.60
N TRP A 355 -19.44 -17.78 -20.04
CA TRP A 355 -18.33 -16.83 -20.01
C TRP A 355 -17.23 -17.30 -19.05
N ARG A 356 -17.61 -17.91 -17.93
CA ARG A 356 -16.62 -18.41 -16.99
C ARG A 356 -15.80 -19.55 -17.60
N ASN A 357 -16.46 -20.44 -18.35
CA ASN A 357 -15.72 -21.51 -19.02
C ASN A 357 -14.78 -20.95 -20.07
N GLU A 358 -15.20 -19.90 -20.78
CA GLU A 358 -14.31 -19.25 -21.74
C GLU A 358 -13.05 -18.73 -21.07
N LEU A 359 -13.15 -18.33 -19.80
CA LEU A 359 -12.00 -17.87 -19.03
C LEU A 359 -11.25 -19.02 -18.36
N ASN A 360 -11.99 -20.00 -17.82
CA ASN A 360 -11.34 -21.15 -17.22
C ASN A 360 -10.50 -21.93 -18.23
N VAL A 361 -10.89 -21.89 -19.50
CA VAL A 361 -10.06 -22.45 -20.57
C VAL A 361 -8.74 -21.68 -20.64
N GLN A 362 -8.81 -20.35 -20.57
CA GLN A 362 -7.60 -19.54 -20.60
C GLN A 362 -6.73 -19.77 -19.37
N LYS A 363 -7.35 -20.07 -18.22
CA LYS A 363 -6.58 -20.39 -17.03
C LYS A 363 -5.71 -21.61 -17.25
N GLN A 364 -6.26 -22.66 -17.88
CA GLN A 364 -5.50 -23.88 -18.10
C GLN A 364 -4.45 -23.71 -19.19
N LYS A 365 -4.74 -22.91 -20.21
CA LYS A 365 -3.83 -22.79 -21.34
C LYS A 365 -2.70 -21.78 -21.08
N PHE A 366 -2.96 -20.75 -20.29
CA PHE A 366 -1.98 -19.69 -20.02
C PHE A 366 -1.97 -19.35 -18.54
N PRO A 367 -1.50 -20.28 -17.68
CA PRO A 367 -1.42 -19.97 -16.25
C PRO A 367 -0.11 -19.31 -15.86
N LEU A 368 0.03 -18.95 -14.58
CA LEU A 368 1.27 -18.39 -14.07
C LEU A 368 2.32 -19.48 -14.00
N SER A 369 3.34 -19.39 -14.86
CA SER A 369 4.36 -20.42 -15.00
C SER A 369 5.72 -19.88 -14.59
N PHE A 370 6.52 -20.73 -13.95
CA PHE A 370 7.91 -20.45 -13.65
C PHE A 370 8.74 -21.68 -13.97
N LYS A 371 10.01 -21.46 -14.28
CA LYS A 371 10.92 -22.53 -14.67
C LYS A 371 11.91 -22.78 -13.54
N THR A 372 12.13 -24.06 -13.23
CA THR A 372 13.11 -24.48 -12.23
C THR A 372 14.38 -24.94 -12.93
N PHE A 373 15.51 -24.36 -12.54
CA PHE A 373 16.80 -24.66 -13.17
C PHE A 373 17.67 -25.41 -12.15
N GLY A 374 17.76 -26.72 -12.32
CA GLY A 374 18.59 -27.53 -11.44
C GLY A 374 18.14 -27.40 -9.99
N GLU A 375 19.07 -27.02 -9.13
CA GLU A 375 18.79 -26.82 -7.72
C GLU A 375 18.69 -25.33 -7.35
N ALA A 376 18.86 -24.44 -8.33
CA ALA A 376 18.72 -23.02 -8.07
C ALA A 376 17.30 -22.70 -7.64
N ILE A 377 17.18 -21.85 -6.63
CA ILE A 377 15.88 -21.49 -6.05
C ILE A 377 15.16 -20.51 -6.98
N PRO A 378 14.04 -20.89 -7.57
CA PRO A 378 13.21 -19.91 -8.28
C PRO A 378 12.42 -19.09 -7.28
N PRO A 379 12.49 -17.76 -7.37
CA PRO A 379 11.81 -16.93 -6.37
C PRO A 379 10.31 -17.16 -6.31
N GLN A 380 9.69 -17.44 -7.45
CA GLN A 380 8.27 -17.73 -7.49
C GLN A 380 7.94 -18.90 -6.57
N TYR A 381 8.72 -19.98 -6.68
CA TYR A 381 8.51 -21.15 -5.83
C TYR A 381 8.75 -20.82 -4.36
N ALA A 382 9.70 -19.93 -4.07
CA ALA A 382 9.95 -19.55 -2.69
C ALA A 382 8.75 -18.85 -2.08
N ILE A 383 8.08 -17.99 -2.86
CA ILE A 383 6.89 -17.30 -2.36
C ILE A 383 5.74 -18.28 -2.21
N LYS A 384 5.61 -19.23 -3.14
CA LYS A 384 4.56 -20.23 -3.04
C LYS A 384 4.72 -21.09 -1.79
N VAL A 385 5.97 -21.37 -1.41
CA VAL A 385 6.20 -22.10 -0.16
C VAL A 385 5.78 -21.26 1.03
N LEU A 386 6.12 -19.96 1.02
CA LEU A 386 5.67 -19.07 2.09
C LEU A 386 4.15 -19.03 2.19
N ASP A 387 3.46 -19.15 1.05
CA ASP A 387 2.01 -19.22 1.07
C ASP A 387 1.54 -20.47 1.81
N GLU A 388 2.14 -21.62 1.49
CA GLU A 388 1.75 -22.87 2.14
C GLU A 388 1.99 -22.82 3.64
N LEU A 389 3.25 -22.58 4.03
CA LEU A 389 3.61 -22.68 5.44
C LEU A 389 2.93 -21.63 6.31
N THR A 390 2.38 -20.57 5.71
CA THR A 390 1.64 -19.57 6.45
C THR A 390 0.13 -19.67 6.22
N ASP A 391 -0.31 -20.60 5.38
CA ASP A 391 -1.74 -20.81 5.11
C ASP A 391 -2.38 -19.57 4.49
N GLY A 392 -1.57 -18.76 3.80
CA GLY A 392 -2.09 -17.56 3.16
C GLY A 392 -2.63 -16.52 4.10
N LYS A 393 -2.24 -16.55 5.37
CA LYS A 393 -2.77 -15.65 6.37
C LYS A 393 -1.74 -14.63 6.84
N ALA A 394 -0.60 -14.53 6.18
CA ALA A 394 0.46 -13.62 6.61
C ALA A 394 0.27 -12.25 6.00
N ILE A 395 0.74 -11.23 6.74
CA ILE A 395 0.79 -9.87 6.22
C ILE A 395 2.08 -9.71 5.44
N ILE A 396 1.97 -9.40 4.15
CA ILE A 396 3.10 -9.35 3.24
C ILE A 396 3.34 -7.90 2.84
N SER A 397 4.52 -7.39 3.16
CA SER A 397 5.01 -6.13 2.63
C SER A 397 6.19 -6.43 1.70
N THR A 398 6.35 -5.61 0.67
CA THR A 398 7.38 -5.83 -0.33
C THR A 398 8.09 -4.52 -0.66
N GLY A 399 9.24 -4.66 -1.31
CA GLY A 399 9.90 -3.52 -1.92
C GLY A 399 9.29 -3.26 -3.28
N VAL A 400 10.11 -2.84 -4.24
CA VAL A 400 9.64 -2.55 -5.59
C VAL A 400 10.58 -3.22 -6.59
N GLY A 401 10.01 -3.94 -7.56
CA GLY A 401 10.81 -4.65 -8.54
C GLY A 401 10.25 -6.01 -8.91
N GLN A 402 11.12 -6.90 -9.38
CA GLN A 402 10.68 -8.24 -9.77
C GLN A 402 10.06 -8.97 -8.58
N HIS A 403 10.71 -8.90 -7.42
CA HIS A 403 10.19 -9.59 -6.23
C HIS A 403 8.82 -9.06 -5.84
N GLN A 404 8.56 -7.78 -6.09
CA GLN A 404 7.25 -7.22 -5.79
C GLN A 404 6.16 -7.88 -6.63
N MET A 405 6.43 -8.07 -7.93
CA MET A 405 5.45 -8.70 -8.80
C MET A 405 5.26 -10.17 -8.46
N TRP A 406 6.35 -10.89 -8.19
CA TRP A 406 6.23 -12.30 -7.83
C TRP A 406 5.49 -12.48 -6.51
N ALA A 407 5.64 -11.54 -5.58
CA ALA A 407 4.86 -11.60 -4.34
C ALA A 407 3.39 -11.34 -4.59
N ALA A 408 3.07 -10.56 -5.64
CA ALA A 408 1.68 -10.33 -6.00
C ALA A 408 1.09 -11.52 -6.75
N GLN A 409 1.90 -12.22 -7.54
CA GLN A 409 1.40 -13.32 -8.36
C GLN A 409 1.27 -14.61 -7.57
N PHE A 410 2.34 -15.02 -6.89
CA PHE A 410 2.44 -16.35 -6.30
C PHE A 410 2.14 -16.36 -4.81
N TYR A 411 1.27 -15.46 -4.34
CA TYR A 411 0.73 -15.52 -2.99
C TYR A 411 -0.77 -15.27 -3.08
N ASN A 412 -1.56 -16.13 -2.44
CA ASN A 412 -3.01 -16.05 -2.50
C ASN A 412 -3.50 -15.38 -1.23
N TYR A 413 -3.68 -14.07 -1.30
CA TYR A 413 -4.16 -13.29 -0.16
C TYR A 413 -5.65 -13.51 0.02
N LYS A 414 -6.03 -13.89 1.25
CA LYS A 414 -7.42 -14.24 1.53
C LYS A 414 -8.24 -13.05 1.99
N LYS A 415 -7.61 -12.08 2.65
CA LYS A 415 -8.28 -10.89 3.14
C LYS A 415 -7.55 -9.64 2.67
N PRO A 416 -8.26 -8.52 2.57
CA PRO A 416 -7.57 -7.26 2.26
C PRO A 416 -6.74 -6.80 3.44
N ARG A 417 -5.83 -5.87 3.17
CA ARG A 417 -4.87 -5.34 4.13
C ARG A 417 -3.87 -6.39 4.60
N GLN A 418 -3.73 -7.49 3.86
CA GLN A 418 -2.59 -8.38 4.00
C GLN A 418 -1.44 -7.98 3.08
N TRP A 419 -1.75 -7.23 2.03
CA TRP A 419 -0.81 -6.91 0.96
C TRP A 419 -0.45 -5.43 1.06
N LEU A 420 0.80 -5.16 1.44
CA LEU A 420 1.29 -3.79 1.62
C LEU A 420 2.42 -3.57 0.64
N SER A 421 2.19 -2.73 -0.37
CA SER A 421 3.19 -2.54 -1.40
C SER A 421 2.96 -1.20 -2.08
N SER A 422 4.07 -0.48 -2.33
CA SER A 422 4.02 0.81 -3.01
C SER A 422 3.64 0.60 -4.47
N GLY A 423 2.43 1.00 -4.83
CA GLY A 423 1.92 0.78 -6.17
C GLY A 423 2.06 1.96 -7.10
N GLY A 424 1.50 3.11 -6.71
CA GLY A 424 1.55 4.29 -7.55
C GLY A 424 2.94 4.89 -7.68
N LEU A 425 3.54 5.26 -6.54
CA LEU A 425 4.89 5.82 -6.57
C LEU A 425 5.92 4.73 -6.83
N GLY A 426 5.74 3.54 -6.25
CA GLY A 426 6.67 2.46 -6.42
C GLY A 426 8.02 2.75 -5.80
N ALA A 427 8.00 3.00 -4.49
CA ALA A 427 9.19 3.46 -3.78
C ALA A 427 9.93 2.27 -3.20
N MET A 428 11.17 2.07 -3.62
CA MET A 428 12.02 1.07 -3.01
C MET A 428 12.29 1.43 -1.55
N GLY A 429 12.71 0.42 -0.78
CA GLY A 429 12.91 0.61 0.64
C GLY A 429 11.64 0.72 1.44
N PHE A 430 10.50 0.35 0.85
CA PHE A 430 9.22 0.44 1.53
C PHE A 430 8.91 -0.78 2.37
N GLY A 431 9.37 -1.97 1.94
CA GLY A 431 8.91 -3.20 2.56
C GLY A 431 9.31 -3.35 4.01
N LEU A 432 10.60 -3.11 4.31
CA LEU A 432 11.06 -3.31 5.68
C LEU A 432 10.41 -2.37 6.67
N PRO A 433 10.34 -1.04 6.45
CA PRO A 433 9.66 -0.20 7.43
C PRO A 433 8.16 -0.44 7.48
N ALA A 434 7.52 -0.73 6.34
CA ALA A 434 6.10 -1.03 6.35
C ALA A 434 5.81 -2.29 7.16
N ALA A 435 6.72 -3.28 7.10
CA ALA A 435 6.57 -4.45 7.95
C ALA A 435 6.62 -4.07 9.42
N ILE A 436 7.46 -3.09 9.76
CA ILE A 436 7.53 -2.60 11.15
C ILE A 436 6.18 -2.04 11.58
N GLY A 437 5.59 -1.17 10.75
CA GLY A 437 4.33 -0.57 11.11
C GLY A 437 3.20 -1.57 11.15
N ALA A 438 3.23 -2.57 10.26
CA ALA A 438 2.18 -3.59 10.26
C ALA A 438 2.25 -4.46 11.50
N SER A 439 3.47 -4.78 11.96
CA SER A 439 3.61 -5.63 13.14
C SER A 439 3.15 -4.92 14.40
N VAL A 440 3.34 -3.60 14.48
CA VAL A 440 2.87 -2.86 15.64
C VAL A 440 1.36 -2.73 15.60
N ALA A 441 0.76 -2.68 14.41
CA ALA A 441 -0.69 -2.62 14.29
C ALA A 441 -1.33 -3.99 14.52
N ASN A 442 -0.61 -5.07 14.18
CA ASN A 442 -1.12 -6.43 14.29
C ASN A 442 -0.07 -7.27 15.00
N PRO A 443 -0.01 -7.20 16.33
CA PRO A 443 1.08 -7.89 17.04
C PRO A 443 1.01 -9.40 16.93
N ASP A 444 -0.19 -9.98 16.94
CA ASP A 444 -0.36 -11.43 16.88
C ASP A 444 -0.45 -11.95 15.46
N ALA A 445 0.13 -11.24 14.50
CA ALA A 445 0.05 -11.63 13.09
C ALA A 445 1.43 -11.99 12.56
N ILE A 446 1.42 -12.77 11.48
CA ILE A 446 2.64 -13.14 10.77
C ILE A 446 2.94 -12.04 9.76
N VAL A 447 4.00 -11.27 10.01
CA VAL A 447 4.42 -10.20 9.13
C VAL A 447 5.70 -10.65 8.44
N VAL A 448 5.68 -10.67 7.11
CA VAL A 448 6.82 -11.10 6.31
C VAL A 448 7.13 -10.02 5.28
N ASP A 449 8.39 -9.59 5.23
CA ASP A 449 8.86 -8.62 4.25
C ASP A 449 9.52 -9.39 3.11
N ILE A 450 8.82 -9.50 1.98
CA ILE A 450 9.39 -10.08 0.77
C ILE A 450 10.11 -8.93 0.06
N ASP A 451 11.38 -8.75 0.41
CA ASP A 451 12.17 -7.63 -0.05
C ASP A 451 13.19 -8.06 -1.10
N GLY A 452 13.70 -7.09 -1.84
CA GLY A 452 14.78 -7.31 -2.80
C GLY A 452 16.05 -6.69 -2.28
N ASP A 453 17.19 -7.25 -2.70
CA ASP A 453 18.48 -6.82 -2.15
C ASP A 453 18.77 -5.36 -2.43
N GLY A 454 18.16 -4.77 -3.46
CA GLY A 454 18.28 -3.35 -3.70
C GLY A 454 17.37 -2.56 -2.78
N SER A 455 16.10 -2.95 -2.73
CA SER A 455 15.15 -2.25 -1.86
C SER A 455 15.50 -2.44 -0.40
N PHE A 456 15.89 -3.65 -0.01
CA PHE A 456 16.13 -3.95 1.40
C PHE A 456 17.24 -3.07 1.98
N ILE A 457 18.31 -2.87 1.22
CA ILE A 457 19.46 -2.15 1.76
C ILE A 457 19.16 -0.65 1.91
N MET A 458 18.20 -0.12 1.16
CA MET A 458 17.94 1.32 1.19
C MET A 458 17.56 1.79 2.60
N ASN A 459 16.64 1.08 3.24
CA ASN A 459 16.26 1.35 4.61
C ASN A 459 16.66 0.22 5.54
N VAL A 460 17.87 -0.32 5.33
CA VAL A 460 18.39 -1.39 6.15
C VAL A 460 18.58 -0.94 7.59
N GLN A 461 18.72 0.36 7.82
CA GLN A 461 18.94 0.87 9.17
C GLN A 461 17.79 0.55 10.11
N GLU A 462 16.61 0.26 9.56
CA GLU A 462 15.46 -0.05 10.40
C GLU A 462 15.51 -1.43 11.03
N LEU A 463 16.52 -2.25 10.68
CA LEU A 463 16.73 -3.49 11.39
C LEU A 463 16.98 -3.23 12.88
N ALA A 464 17.65 -2.11 13.18
CA ALA A 464 17.82 -1.72 14.58
C ALA A 464 16.48 -1.45 15.24
N THR A 465 15.56 -0.82 14.52
CA THR A 465 14.23 -0.56 15.06
C THR A 465 13.52 -1.87 15.37
N ILE A 466 13.67 -2.88 14.52
CA ILE A 466 12.97 -4.15 14.71
C ILE A 466 13.44 -4.83 15.98
N ARG A 467 14.75 -4.83 16.25
CA ARG A 467 15.25 -5.48 17.45
C ARG A 467 14.86 -4.69 18.70
N VAL A 468 15.10 -3.38 18.69
CA VAL A 468 14.82 -2.57 19.88
C VAL A 468 13.36 -2.65 20.27
N GLU A 469 12.46 -2.67 19.28
CA GLU A 469 11.03 -2.77 19.55
C GLU A 469 10.55 -4.20 19.67
N ASN A 470 11.44 -5.19 19.48
CA ASN A 470 11.12 -6.61 19.63
C ASN A 470 9.88 -6.99 18.81
N LEU A 471 10.01 -6.82 17.51
CA LEU A 471 8.91 -7.08 16.58
C LEU A 471 9.17 -8.37 15.82
N PRO A 472 8.18 -9.27 15.74
CA PRO A 472 8.38 -10.55 15.03
C PRO A 472 8.32 -10.40 13.51
N VAL A 473 9.18 -9.53 12.98
CA VAL A 473 9.19 -9.23 11.55
C VAL A 473 10.08 -10.24 10.83
N LYS A 474 9.51 -10.97 9.88
CA LYS A 474 10.26 -11.89 9.05
C LYS A 474 10.65 -11.21 7.76
N VAL A 475 11.90 -11.40 7.35
CA VAL A 475 12.43 -10.80 6.13
C VAL A 475 12.76 -11.93 5.17
N LEU A 476 11.91 -12.13 4.17
CA LEU A 476 12.19 -13.10 3.10
C LEU A 476 12.87 -12.34 1.98
N LEU A 477 14.20 -12.28 2.04
CA LEU A 477 14.98 -11.49 1.10
C LEU A 477 15.27 -12.33 -0.14
N LEU A 478 14.69 -11.92 -1.27
CA LEU A 478 14.94 -12.58 -2.56
C LEU A 478 16.13 -11.90 -3.21
N ASN A 479 17.31 -12.43 -2.95
CA ASN A 479 18.56 -11.82 -3.39
C ASN A 479 18.94 -12.33 -4.78
N ASN A 480 18.97 -11.43 -5.75
CA ASN A 480 19.43 -11.74 -7.09
C ASN A 480 20.63 -10.92 -7.50
N GLN A 481 21.24 -10.18 -6.57
CA GLN A 481 22.44 -9.38 -6.78
C GLN A 481 22.25 -8.30 -7.85
N HIS A 482 21.01 -8.04 -8.27
CA HIS A 482 20.75 -7.07 -9.33
C HIS A 482 19.53 -6.24 -8.97
N LEU A 483 19.44 -5.08 -9.63
CA LEU A 483 18.19 -4.32 -9.69
C LEU A 483 17.33 -4.98 -10.76
N GLY A 484 16.62 -6.03 -10.34
CA GLY A 484 16.09 -7.00 -11.29
C GLY A 484 15.12 -6.41 -12.29
N MET A 485 14.21 -5.56 -11.83
N MET A 485 14.20 -5.57 -11.83
CA MET A 485 13.21 -5.00 -12.74
CA MET A 485 13.22 -4.98 -12.72
C MET A 485 13.86 -4.12 -13.80
C MET A 485 13.87 -4.13 -13.80
N VAL A 486 14.85 -3.30 -13.41
CA VAL A 486 15.57 -2.50 -14.39
C VAL A 486 16.44 -3.40 -15.26
N MET A 487 16.95 -4.49 -14.68
CA MET A 487 17.72 -5.46 -15.45
C MET A 487 16.85 -6.15 -16.50
N GLN A 488 15.60 -6.44 -16.15
CA GLN A 488 14.70 -7.09 -17.11
C GLN A 488 14.44 -6.19 -18.32
N TRP A 489 14.22 -4.90 -18.08
CA TRP A 489 14.00 -3.98 -19.20
C TRP A 489 15.27 -3.78 -20.01
N GLU A 490 16.43 -3.99 -19.40
CA GLU A 490 17.68 -3.96 -20.17
C GLU A 490 17.76 -5.14 -21.12
N ASP A 491 17.32 -6.32 -20.67
CA ASP A 491 17.35 -7.50 -21.54
C ASP A 491 16.37 -7.39 -22.68
N ARG A 492 15.20 -6.78 -22.43
CA ARG A 492 14.13 -6.77 -23.42
C ARG A 492 14.33 -5.69 -24.47
N PHE A 493 14.69 -4.46 -24.05
CA PHE A 493 14.68 -3.32 -24.94
C PHE A 493 16.05 -2.68 -25.11
N TYR A 494 17.09 -3.16 -24.43
CA TYR A 494 18.41 -2.57 -24.60
C TYR A 494 19.50 -3.62 -24.82
N LYS A 495 19.14 -4.80 -25.35
CA LYS A 495 20.11 -5.84 -25.72
C LYS A 495 20.98 -6.26 -24.53
N ALA A 496 20.36 -6.35 -23.36
CA ALA A 496 21.00 -6.86 -22.14
C ALA A 496 22.24 -6.05 -21.77
N ASN A 497 22.28 -4.78 -22.16
CA ASN A 497 23.42 -3.92 -21.84
C ASN A 497 23.24 -3.38 -20.42
N ARG A 498 24.07 -3.87 -19.50
CA ARG A 498 23.97 -3.49 -18.10
C ARG A 498 24.39 -2.04 -17.92
N ALA A 499 23.51 -1.23 -17.34
CA ALA A 499 23.78 0.18 -17.05
C ALA A 499 23.58 0.39 -15.56
N HIS A 500 24.58 -0.05 -14.77
CA HIS A 500 24.62 0.17 -13.33
C HIS A 500 23.45 -0.52 -12.62
N THR A 501 23.19 -1.77 -12.98
CA THR A 501 22.15 -2.56 -12.35
C THR A 501 22.67 -3.74 -11.54
N PHE A 502 23.99 -3.89 -11.44
CA PHE A 502 24.59 -4.96 -10.63
C PHE A 502 24.93 -4.40 -9.26
N LEU A 503 24.41 -5.04 -8.22
CA LEU A 503 24.54 -4.55 -6.85
C LEU A 503 25.67 -5.22 -6.07
N GLY A 504 26.35 -6.20 -6.65
CA GLY A 504 27.43 -6.89 -5.98
C GLY A 504 28.78 -6.24 -6.22
N ASP A 505 29.83 -6.96 -5.83
CA ASP A 505 31.19 -6.48 -5.96
C ASP A 505 31.81 -7.05 -7.23
N PRO A 506 32.21 -6.22 -8.20
CA PRO A 506 32.83 -6.76 -9.42
C PRO A 506 34.16 -7.44 -9.18
N ALA A 507 34.88 -7.09 -8.10
CA ALA A 507 36.13 -7.77 -7.80
C ALA A 507 35.89 -9.23 -7.45
N GLN A 508 35.02 -9.48 -6.48
CA GLN A 508 34.58 -10.83 -6.14
C GLN A 508 33.22 -11.06 -6.81
N GLU A 509 33.28 -11.35 -8.11
CA GLU A 509 32.07 -11.31 -8.94
C GLU A 509 31.07 -12.39 -8.55
N ASP A 510 31.55 -13.56 -8.15
CA ASP A 510 30.66 -14.66 -7.80
C ASP A 510 30.32 -14.71 -6.32
N GLU A 511 30.77 -13.75 -5.53
CA GLU A 511 30.46 -13.68 -4.11
C GLU A 511 29.19 -12.85 -3.91
N ILE A 512 28.30 -13.35 -3.06
CA ILE A 512 27.08 -12.61 -2.74
C ILE A 512 27.46 -11.40 -1.91
N PHE A 513 27.12 -10.20 -2.42
CA PHE A 513 27.51 -8.94 -1.79
C PHE A 513 26.35 -7.97 -1.82
N PRO A 514 26.06 -7.27 -0.71
CA PRO A 514 26.74 -7.47 0.57
C PRO A 514 26.26 -8.73 1.30
N ASN A 515 26.90 -9.05 2.42
CA ASN A 515 26.49 -10.18 3.24
C ASN A 515 25.38 -9.70 4.15
N MET A 516 24.13 -9.87 3.69
CA MET A 516 22.98 -9.35 4.43
C MET A 516 22.84 -10.02 5.79
N LEU A 517 23.36 -11.24 5.95
CA LEU A 517 23.31 -11.90 7.24
C LEU A 517 24.01 -11.08 8.31
N LEU A 518 25.12 -10.43 7.94
CA LEU A 518 25.86 -9.61 8.90
C LEU A 518 25.11 -8.32 9.22
N PHE A 519 24.29 -7.82 8.28
CA PHE A 519 23.40 -6.70 8.61
C PHE A 519 22.45 -7.08 9.72
N ALA A 520 21.85 -8.27 9.63
CA ALA A 520 20.99 -8.74 10.70
C ALA A 520 21.79 -9.04 11.97
N ALA A 521 23.01 -9.56 11.80
CA ALA A 521 23.86 -9.83 12.95
C ALA A 521 24.19 -8.55 13.70
N ALA A 522 24.45 -7.47 12.95
CA ALA A 522 24.78 -6.19 13.59
C ALA A 522 23.65 -5.71 14.49
N CYS A 523 22.40 -5.99 14.13
CA CYS A 523 21.25 -5.57 14.91
C CYS A 523 20.70 -6.71 15.77
N GLY A 524 21.47 -7.75 16.01
CA GLY A 524 21.03 -8.83 16.87
C GLY A 524 19.82 -9.58 16.36
N ILE A 525 19.72 -9.76 15.05
CA ILE A 525 18.61 -10.48 14.42
C ILE A 525 19.16 -11.81 13.90
N PRO A 526 18.61 -12.95 14.31
CA PRO A 526 19.06 -14.22 13.75
C PRO A 526 18.75 -14.29 12.25
N ALA A 527 19.73 -14.79 11.49
CA ALA A 527 19.62 -14.82 10.05
C ALA A 527 20.21 -16.13 9.51
N ALA A 528 19.90 -16.41 8.25
CA ALA A 528 20.38 -17.60 7.57
C ALA A 528 20.23 -17.42 6.08
N ARG A 529 21.07 -18.11 5.32
CA ARG A 529 21.05 -18.06 3.86
C ARG A 529 20.79 -19.46 3.32
N VAL A 530 19.90 -19.55 2.33
CA VAL A 530 19.55 -20.80 1.68
C VAL A 530 19.77 -20.64 0.18
N THR A 531 20.48 -21.59 -0.42
CA THR A 531 20.82 -21.53 -1.84
C THR A 531 20.23 -22.68 -2.64
N LYS A 532 20.17 -23.88 -2.07
CA LYS A 532 19.65 -25.04 -2.78
C LYS A 532 18.15 -25.19 -2.54
N LYS A 533 17.42 -25.51 -3.61
CA LYS A 533 15.97 -25.54 -3.55
C LYS A 533 15.45 -26.56 -2.54
N ALA A 534 16.20 -27.64 -2.30
CA ALA A 534 15.76 -28.66 -1.37
C ALA A 534 15.66 -28.11 0.05
N ASP A 535 16.65 -27.31 0.46
CA ASP A 535 16.67 -26.74 1.80
C ASP A 535 15.72 -25.57 1.96
N LEU A 536 15.01 -25.17 0.89
CA LEU A 536 14.20 -23.97 0.95
C LEU A 536 13.02 -24.12 1.90
N ARG A 537 12.34 -25.28 1.87
CA ARG A 537 11.16 -25.46 2.71
C ARG A 537 11.53 -25.44 4.18
N GLU A 538 12.63 -26.09 4.55
CA GLU A 538 13.03 -26.11 5.96
C GLU A 538 13.53 -24.74 6.40
N ALA A 539 14.19 -24.00 5.51
CA ALA A 539 14.70 -22.69 5.85
C ALA A 539 13.57 -21.72 6.16
N ILE A 540 12.54 -21.70 5.30
CA ILE A 540 11.41 -20.81 5.52
C ILE A 540 10.65 -21.23 6.77
N GLN A 541 10.53 -22.54 7.01
CA GLN A 541 9.88 -23.01 8.22
C GLN A 541 10.64 -22.57 9.46
N THR A 542 11.97 -22.58 9.40
CA THR A 542 12.76 -22.09 10.52
C THR A 542 12.53 -20.61 10.77
N MET A 543 12.45 -19.83 9.68
CA MET A 543 12.18 -18.40 9.81
C MET A 543 10.86 -18.15 10.53
N LEU A 544 9.82 -18.92 10.21
CA LEU A 544 8.51 -18.70 10.81
C LEU A 544 8.48 -19.19 12.26
N ASP A 545 9.08 -20.35 12.53
CA ASP A 545 9.02 -20.93 13.87
C ASP A 545 9.91 -20.21 14.87
N THR A 546 11.04 -19.66 14.41
CA THR A 546 11.92 -18.93 15.32
C THR A 546 11.23 -17.66 15.81
N PRO A 547 11.04 -17.51 17.12
CA PRO A 547 10.35 -16.31 17.63
C PRO A 547 11.15 -15.05 17.37
N GLY A 548 10.42 -13.95 17.17
CA GLY A 548 11.03 -12.65 16.98
C GLY A 548 11.43 -12.39 15.54
N PRO A 549 12.36 -11.46 15.35
CA PRO A 549 12.81 -11.15 13.98
C PRO A 549 13.64 -12.27 13.40
N TYR A 550 13.67 -12.32 12.07
CA TYR A 550 14.45 -13.31 11.35
C TYR A 550 14.64 -12.83 9.92
N LEU A 551 15.87 -12.96 9.42
CA LEU A 551 16.20 -12.64 8.04
C LEU A 551 16.61 -13.92 7.32
N LEU A 552 16.02 -14.15 6.15
CA LEU A 552 16.33 -15.31 5.33
C LEU A 552 16.83 -14.82 3.98
N ASP A 553 18.13 -14.98 3.73
CA ASP A 553 18.73 -14.58 2.46
C ASP A 553 18.50 -15.70 1.44
N VAL A 554 17.50 -15.52 0.58
CA VAL A 554 17.13 -16.50 -0.42
C VAL A 554 17.82 -16.12 -1.73
N ILE A 555 18.85 -16.88 -2.12
CA ILE A 555 19.60 -16.58 -3.33
C ILE A 555 18.81 -17.10 -4.52
N CYS A 556 18.73 -16.29 -5.57
CA CYS A 556 17.97 -16.62 -6.77
C CYS A 556 18.78 -16.28 -8.00
N PRO A 557 18.60 -17.04 -9.09
CA PRO A 557 19.26 -16.68 -10.36
C PRO A 557 18.69 -15.37 -10.89
N HIS A 558 19.58 -14.48 -11.32
CA HIS A 558 19.16 -13.13 -11.70
C HIS A 558 18.54 -13.08 -13.09
N GLN A 559 18.72 -14.12 -13.91
CA GLN A 559 18.19 -14.09 -15.28
C GLN A 559 16.68 -14.26 -15.35
N GLU A 560 16.01 -14.46 -14.21
CA GLU A 560 14.56 -14.60 -14.22
C GLU A 560 13.89 -13.31 -14.68
N HIS A 561 12.77 -13.47 -15.37
CA HIS A 561 11.95 -12.34 -15.81
C HIS A 561 10.54 -12.47 -15.26
N VAL A 562 9.92 -11.33 -14.98
CA VAL A 562 8.53 -11.31 -14.56
C VAL A 562 7.65 -11.53 -15.78
N LEU A 563 6.80 -12.55 -15.73
CA LEU A 563 5.93 -12.91 -16.83
C LEU A 563 4.52 -13.17 -16.32
N PRO A 564 3.49 -12.88 -17.12
CA PRO A 564 3.62 -12.26 -18.46
C PRO A 564 3.83 -10.76 -18.37
N MET A 565 4.13 -10.13 -19.51
CA MET A 565 4.45 -8.70 -19.53
C MET A 565 3.82 -8.06 -20.76
N ILE A 566 2.91 -7.13 -20.54
CA ILE A 566 2.37 -6.28 -21.58
C ILE A 566 3.22 -5.00 -21.63
N PRO A 567 3.91 -4.72 -22.74
CA PRO A 567 4.78 -3.54 -22.78
C PRO A 567 3.99 -2.26 -22.54
N SER A 568 4.69 -1.25 -22.04
CA SER A 568 4.04 0.01 -21.69
C SER A 568 3.41 0.65 -22.92
N GLY A 569 2.11 0.96 -22.81
CA GLY A 569 1.36 1.52 -23.91
C GLY A 569 0.84 0.51 -24.91
N GLY A 570 1.11 -0.78 -24.71
CA GLY A 570 0.67 -1.80 -25.63
C GLY A 570 -0.75 -2.27 -25.36
N THR A 571 -1.17 -3.26 -26.14
CA THR A 571 -2.50 -3.85 -26.05
C THR A 571 -2.38 -5.30 -25.55
N PHE A 572 -3.51 -6.00 -25.54
CA PHE A 572 -3.49 -7.40 -25.12
C PHE A 572 -2.79 -8.28 -26.15
N ASN A 573 -2.82 -7.90 -27.42
CA ASN A 573 -2.18 -8.69 -28.47
C ASN A 573 -0.65 -8.55 -28.47
N ASP A 574 -0.09 -7.72 -27.59
CA ASP A 574 1.35 -7.53 -27.48
C ASP A 574 1.92 -8.22 -26.25
N VAL A 575 1.15 -9.07 -25.58
CA VAL A 575 1.60 -9.68 -24.33
C VAL A 575 2.77 -10.62 -24.60
N ILE A 576 3.79 -10.53 -23.74
CA ILE A 576 4.93 -11.42 -23.78
C ILE A 576 4.68 -12.53 -22.76
N THR A 577 4.65 -13.78 -23.24
CA THR A 577 4.35 -14.91 -22.37
C THR A 577 5.55 -15.78 -22.04
N GLU A 578 6.64 -15.67 -22.80
CA GLU A 578 7.83 -16.47 -22.56
C GLU A 578 9.08 -15.65 -22.80
N GLY A 579 10.16 -16.04 -22.14
CA GLY A 579 11.45 -15.39 -22.32
C GLY A 579 12.09 -14.96 -21.02
N ASP A 580 13.42 -14.98 -20.99
CA ASP A 580 14.19 -14.49 -19.85
C ASP A 580 15.52 -13.96 -20.38
N GLY A 581 16.50 -13.82 -19.49
CA GLY A 581 17.78 -13.26 -19.88
C GLY A 581 18.87 -14.29 -20.06
N ARG A 582 18.59 -15.34 -20.80
CA ARG A 582 19.57 -16.39 -21.04
C ARG A 582 19.69 -16.70 -22.53
MG MG B . 17.33 -7.38 -6.53
PA FAD C . -5.76 2.99 -6.24
O1A FAD C . -5.71 1.81 -5.24
O2A FAD C . -4.41 3.64 -6.34
O5B FAD C . -6.84 4.08 -5.73
C5B FAD C . -8.14 3.64 -5.26
C4B FAD C . -9.21 4.22 -6.18
O4B FAD C . -10.53 3.86 -5.74
C3B FAD C . -9.14 5.70 -6.16
O3B FAD C . -9.52 6.22 -7.45
C2B FAD C . -10.13 6.10 -5.14
O2B FAD C . -10.73 7.36 -5.48
C1B FAD C . -11.15 5.05 -5.17
N9A FAD C . -11.61 4.75 -3.87
C8A FAD C . -10.88 4.70 -2.77
N7A FAD C . -11.65 4.40 -1.72
C5A FAD C . -12.94 4.23 -2.17
C6A FAD C . -14.20 3.91 -1.59
N6A FAD C . -14.29 3.66 -0.22
N1A FAD C . -15.29 3.83 -2.37
C2A FAD C . -15.21 4.05 -3.66
N3A FAD C . -14.05 4.37 -4.26
C4A FAD C . -12.91 4.46 -3.55
N1 FAD C . -0.95 -2.55 -10.80
C2 FAD C . -1.79 -3.51 -11.45
O2 FAD C . -2.97 -3.59 -11.16
N3 FAD C . -1.25 -4.36 -12.40
C4 FAD C . 0.08 -4.27 -12.72
O4 FAD C . 0.53 -5.04 -13.57
C4X FAD C . 0.99 -3.26 -12.05
N5 FAD C . 2.34 -3.15 -12.36
C5X FAD C . 3.16 -2.52 -11.48
C6 FAD C . 4.55 -2.72 -11.53
C7 FAD C . 5.39 -2.07 -10.62
C7M FAD C . 6.91 -2.29 -10.67
C8 FAD C . 4.84 -1.21 -9.65
C8M FAD C . 5.76 -0.50 -8.64
C9 FAD C . 3.46 -1.02 -9.59
C9A FAD C . 2.61 -1.67 -10.51
N10 FAD C . 1.24 -1.49 -10.47
C10 FAD C . 0.44 -2.43 -11.11
C1' FAD C . 0.67 -0.60 -9.54
C2' FAD C . -0.02 0.58 -10.28
O2' FAD C . 0.93 1.62 -10.46
C3' FAD C . -1.23 1.13 -9.44
O3' FAD C . -0.93 1.07 -8.11
C4' FAD C . -2.47 0.32 -9.73
O4' FAD C . -2.43 -0.10 -11.09
C5' FAD C . -3.69 1.16 -9.52
O5' FAD C . -4.35 0.76 -8.33
P FAD C . -5.94 1.04 -8.23
O1P FAD C . -6.55 0.96 -9.63
O2P FAD C . -6.59 0.01 -7.31
O3P FAD C . -6.19 2.47 -7.66
C1 CIE D . 5.75 5.86 -17.90
C2 CIE D . 5.37 5.38 -19.17
C3 CIE D . 4.04 5.29 -19.50
C4 CIE D . 3.04 5.64 -18.57
C5 CIE D . 3.41 6.10 -17.32
C6 CIE D . 4.76 6.20 -16.98
C7 CIE D . 7.22 6.00 -17.45
O7 CIE D . 8.05 6.42 -18.18
O8 CIE D . 7.56 5.63 -16.13
C9 CIE D . 8.77 4.87 -16.00
C10 CIE D . 8.77 4.21 -14.59
S11 CIE D . 6.60 4.90 -20.47
OBA CIE D . 5.86 3.93 -21.58
OBB CIE D . 7.16 6.25 -21.23
N12 CIE D . 7.97 4.06 -19.78
C13 CIE D . 7.82 3.00 -18.75
O13 CIE D . 6.77 2.71 -18.35
N14 CIE D . 9.04 2.37 -18.24
N1' CIE D . 7.94 0.82 -16.70
C2' CIE D . 9.06 1.32 -17.21
N3' CIE D . 10.24 0.89 -16.82
C4' CIE D . 10.35 -0.07 -15.89
CL4' CIE D . 11.97 -0.62 -15.37
C5' CIE D . 9.22 -0.60 -15.34
C6' CIE D . 7.97 -0.12 -15.78
O7' CIE D . 6.78 -0.63 -15.26
C8' CIE D . 6.93 -1.68 -14.36
C3' NHE E . -9.43 19.43 0.53
C2' NHE E . -9.10 20.28 1.75
C1' NHE E . -8.45 21.62 1.38
C6' NHE E . -7.26 21.44 0.43
N NHE E . -9.44 22.47 0.73
C1 NHE E . -10.28 23.09 1.73
C2 NHE E . -11.52 23.69 1.06
S NHE E . -12.78 23.97 2.34
O1 NHE E . -13.60 25.20 2.05
O2 NHE E . -12.15 24.03 3.71
O3 NHE E . -13.84 22.89 2.29
C5' NHE E . -7.59 20.58 -0.78
C4' NHE E . -8.22 19.24 -0.38
C F50 F . 10.73 0.79 -11.52
OX1 F50 F . 11.39 2.82 -12.29
O F50 F . 10.87 1.13 -10.39
OXT F50 F . 11.47 1.42 -12.52
CH3 F50 F . 9.76 -0.32 -11.87
N1' TP9 G . 14.63 4.21 -6.46
C2' TP9 G . 13.53 4.03 -5.75
CM2 TP9 G . 13.48 4.53 -4.32
N3' TP9 G . 12.48 3.42 -6.26
C4' TP9 G . 12.49 2.95 -7.50
N4' TP9 G . 11.33 2.28 -8.05
C5' TP9 G . 13.64 3.14 -8.27
C6' TP9 G . 14.72 3.79 -7.70
C7' TP9 G . 13.71 2.64 -9.72
N3 TP9 G . 13.43 1.22 -9.80
S1 TP9 G . 12.35 -1.48 -9.49
C5 TP9 G . 14.11 -1.02 -9.32
C4 TP9 G . 14.45 0.24 -9.48
CM4 TP9 G . 15.91 0.66 -9.35
C6 TP9 G . 15.15 -2.08 -8.99
C7 TP9 G . 14.63 -3.10 -7.96
O7 TP9 G . 15.71 -3.79 -7.42
PA TP9 G . 15.42 -4.82 -6.15
O1A TP9 G . 16.66 -5.61 -5.83
O2A TP9 G . 15.01 -4.02 -4.94
O3A TP9 G . 14.20 -5.85 -6.56
PB TP9 G . 14.30 -6.84 -7.86
O1B TP9 G . 13.49 -8.09 -7.63
O2B TP9 G . 13.79 -6.12 -9.09
O3B TP9 G . 15.75 -7.23 -8.08
MG MG H . 19.12 4.50 4.59
MG MG I . -15.56 13.68 -14.07
S SO4 J . -2.31 -1.48 -0.04
O1 SO4 J . -0.91 -1.88 -0.24
O2 SO4 J . -2.37 -0.05 0.20
O3 SO4 J . -3.07 -1.80 -1.24
O4 SO4 J . -2.87 -2.19 1.09
S SO4 K . -10.88 6.82 -24.26
O1 SO4 K . -9.71 7.67 -24.16
O2 SO4 K . -12.02 7.47 -23.63
O3 SO4 K . -11.19 6.56 -25.67
O4 SO4 K . -10.62 5.55 -23.60
#